data_8UQU
#
_entry.id   8UQU
#
_cell.length_a   149.971
_cell.length_b   149.971
_cell.length_c   371.921
_cell.angle_alpha   90.000
_cell.angle_beta   90.000
_cell.angle_gamma   120.000
#
_symmetry.space_group_name_H-M   'P 65 2 2'
#
loop_
_entity.id
_entity.type
_entity.pdbx_description
1 polymer 'Fido domain-containing protein'
2 non-polymer 'SODIUM ION'
3 non-polymer 'PENTAETHYLENE GLYCOL'
4 non-polymer 'D(-)-TARTARIC ACID'
5 non-polymer GLYCEROL
6 non-polymer 1,2-ETHANEDIOL
7 water water
#
_entity_poly.entity_id   1
_entity_poly.type   'polypeptide(L)'
_entity_poly.pdbx_seq_one_letter_code
;MHHHHHHSSGRENLYFQGMHSLTPEYLAALRFDGTQAATLRTLGEYQGKQQLYAAQSPEALKGLRQIAVVESTESSNRLE
GVVVAPSRLKSLVLRNAMPKNRSEQEIAGYRDALALIHESATHMPFSEGVVLQLHTLLYRYMPQAGGRWKATNNDIIERH
SDGTSRLRFQPVAAHLTPMAMADLTGRYASALDQHLADPLVLVPLAMLDFLCIHPFPDGNGRMSRLLTLLLLYHFDYAVG
RYISLERIFEETKEGYYETLEASSQGWHQGQHDVKPWLDYFWGALLRAYREFEERVGTIERGRGSKGDRVRAEILGRSQP
FSISEIEEACPGVSRDMVRLVLRAMKSEGLIESTGKGRGAKWIKRA
;
_entity_poly.pdbx_strand_id   A,B,C
#
# COMPACT_ATOMS: atom_id res chain seq x y z
N MET A 19 -7.96 2.04 -42.76
CA MET A 19 -7.71 2.31 -41.31
C MET A 19 -7.67 0.95 -40.60
N HIS A 20 -6.84 0.06 -41.14
CA HIS A 20 -6.69 -1.34 -40.69
C HIS A 20 -6.47 -1.45 -39.17
N SER A 21 -5.87 -0.44 -38.53
CA SER A 21 -5.60 -0.53 -37.07
C SER A 21 -6.88 -0.30 -36.24
N LEU A 22 -7.81 0.53 -36.74
CA LEU A 22 -9.04 0.89 -35.97
C LEU A 22 -10.28 0.12 -36.43
N THR A 23 -10.14 -1.03 -37.10
CA THR A 23 -11.35 -1.80 -37.49
C THR A 23 -11.83 -2.57 -36.26
N PRO A 24 -13.14 -2.84 -36.10
CA PRO A 24 -13.63 -3.59 -34.95
C PRO A 24 -12.91 -4.94 -34.83
N GLU A 25 -12.69 -5.61 -35.98
CA GLU A 25 -12.04 -6.94 -36.04
C GLU A 25 -10.61 -6.83 -35.50
N TYR A 26 -9.83 -5.88 -36.02
CA TYR A 26 -8.41 -5.76 -35.57
C TYR A 26 -8.37 -5.49 -34.07
N LEU A 27 -9.16 -4.52 -33.58
CA LEU A 27 -9.18 -4.13 -32.14
C LEU A 27 -9.66 -5.27 -31.25
N ALA A 28 -10.75 -5.95 -31.62
CA ALA A 28 -11.26 -7.06 -30.79
C ALA A 28 -10.26 -8.22 -30.71
N ALA A 29 -9.29 -8.26 -31.63
CA ALA A 29 -8.28 -9.35 -31.66
C ALA A 29 -7.06 -9.01 -30.79
N LEU A 30 -6.81 -7.72 -30.54
CA LEU A 30 -5.64 -7.30 -29.70
C LEU A 30 -5.64 -7.98 -28.35
N ARG A 31 -4.48 -8.49 -27.95
CA ARG A 31 -4.25 -9.17 -26.65
C ARG A 31 -3.00 -8.56 -26.01
N PHE A 32 -3.05 -8.31 -24.70
CA PHE A 32 -1.88 -7.70 -24.01
C PHE A 32 -1.31 -8.68 -22.97
N ASP A 33 0.02 -8.70 -22.86
CA ASP A 33 0.71 -9.59 -21.88
C ASP A 33 0.68 -8.89 -20.51
N GLY A 34 1.20 -9.54 -19.47
CA GLY A 34 1.19 -8.94 -18.12
C GLY A 34 2.01 -7.66 -18.05
N THR A 35 3.05 -7.54 -18.89
CA THR A 35 3.93 -6.33 -18.90
C THR A 35 3.18 -5.12 -19.44
N GLN A 36 2.52 -5.29 -20.59
CA GLN A 36 1.74 -4.20 -21.23
C GLN A 36 0.63 -3.77 -20.27
N ALA A 37 -0.08 -4.74 -19.70
CA ALA A 37 -1.18 -4.47 -18.74
C ALA A 37 -0.68 -3.55 -17.62
N ALA A 38 0.47 -3.89 -17.04
CA ALA A 38 1.10 -3.08 -15.96
C ALA A 38 1.45 -1.69 -16.48
N THR A 39 1.89 -1.60 -17.75
CA THR A 39 2.27 -0.29 -18.34
C THR A 39 1.03 0.59 -18.36
N LEU A 40 -0.11 0.04 -18.80
CA LEU A 40 -1.37 0.80 -18.85
C LEU A 40 -1.75 1.22 -17.42
N ARG A 41 -1.82 0.28 -16.49
CA ARG A 41 -2.18 0.65 -15.10
C ARG A 41 -1.26 1.78 -14.59
N THR A 42 0.04 1.69 -14.87
CA THR A 42 1.02 2.71 -14.41
C THR A 42 0.70 4.08 -15.04
N LEU A 43 0.36 4.12 -16.33
CA LEU A 43 0.03 5.41 -16.98
C LEU A 43 -1.27 5.94 -16.39
N GLY A 44 -2.19 5.03 -16.02
CA GLY A 44 -3.44 5.48 -15.37
C GLY A 44 -3.12 6.20 -14.07
N GLU A 45 -2.20 5.61 -13.29
CA GLU A 45 -1.76 6.17 -11.99
C GLU A 45 -1.16 7.56 -12.21
N TYR A 46 -0.22 7.70 -13.15
CA TYR A 46 0.44 9.00 -13.37
C TYR A 46 -0.60 10.07 -13.72
N GLN A 47 -1.55 9.73 -14.58
CA GLN A 47 -2.61 10.68 -14.96
C GLN A 47 -3.35 11.13 -13.71
N GLY A 48 -3.70 10.18 -12.83
CA GLY A 48 -4.48 10.52 -11.64
C GLY A 48 -3.75 11.48 -10.74
N LYS A 49 -2.43 11.36 -10.63
CA LYS A 49 -1.65 12.20 -9.70
C LYS A 49 -1.35 13.55 -10.36
N GLN A 50 -1.72 13.71 -11.62
CA GLN A 50 -1.38 14.97 -12.34
C GLN A 50 -1.79 16.16 -11.49
N GLN A 51 -3.00 16.16 -10.95
CA GLN A 51 -3.49 17.37 -10.21
C GLN A 51 -2.73 17.50 -8.89
N LEU A 52 -2.42 16.38 -8.24
CA LEU A 52 -1.63 16.44 -6.98
C LEU A 52 -0.29 17.11 -7.26
N TYR A 53 0.47 16.54 -8.20
CA TYR A 53 1.81 17.09 -8.51
C TYR A 53 1.73 18.60 -8.63
N ALA A 54 0.70 19.09 -9.31
CA ALA A 54 0.56 20.55 -9.51
C ALA A 54 0.31 21.23 -8.18
N ALA A 55 -0.68 20.74 -7.43
CA ALA A 55 -0.99 21.32 -6.11
C ALA A 55 0.27 21.41 -5.22
N GLN A 56 1.19 20.44 -5.37
CA GLN A 56 2.45 20.39 -4.57
C GLN A 56 3.52 21.33 -5.12
N SER A 57 3.58 21.56 -6.44
CA SER A 57 4.67 22.40 -6.98
C SER A 57 4.17 23.31 -8.11
N PRO A 58 3.13 24.13 -7.88
CA PRO A 58 2.63 25.01 -8.94
C PRO A 58 3.72 25.99 -9.39
N GLU A 59 4.68 26.28 -8.51
CA GLU A 59 5.77 27.25 -8.83
C GLU A 59 6.69 26.66 -9.91
N ALA A 60 6.62 25.34 -10.12
CA ALA A 60 7.52 24.67 -11.09
C ALA A 60 6.91 24.61 -12.50
N LEU A 61 5.58 24.67 -12.58
CA LEU A 61 4.87 24.54 -13.88
C LEU A 61 5.33 25.59 -14.91
N LYS A 62 5.48 26.87 -14.56
CA LYS A 62 5.89 27.81 -15.62
C LYS A 62 7.24 27.42 -16.23
N GLY A 63 8.24 27.17 -15.37
CA GLY A 63 9.59 26.80 -15.84
C GLY A 63 9.58 25.61 -16.79
N LEU A 64 8.75 24.60 -16.50
CA LEU A 64 8.66 23.41 -17.38
C LEU A 64 8.03 23.80 -18.72
N ARG A 65 6.87 24.47 -18.71
CA ARG A 65 6.21 24.91 -19.98
C ARG A 65 7.20 25.57 -20.94
N GLN A 66 7.93 26.60 -20.51
CA GLN A 66 8.87 27.28 -21.45
C GLN A 66 9.90 26.31 -22.04
N ILE A 67 10.45 25.41 -21.23
CA ILE A 67 11.44 24.45 -21.78
C ILE A 67 10.74 23.52 -22.77
N ALA A 68 9.54 23.06 -22.43
CA ALA A 68 8.76 22.14 -23.31
C ALA A 68 8.38 22.80 -24.65
N VAL A 69 7.71 23.96 -24.60
CA VAL A 69 7.27 24.71 -25.82
C VAL A 69 8.46 24.95 -26.76
N VAL A 70 9.65 25.23 -26.23
CA VAL A 70 10.86 25.44 -27.08
C VAL A 70 11.33 24.07 -27.61
N GLU A 71 11.59 23.11 -26.71
CA GLU A 71 12.05 21.75 -27.12
C GLU A 71 11.09 21.13 -28.14
N SER A 72 9.77 21.27 -27.94
CA SER A 72 8.76 20.67 -28.88
C SER A 72 8.97 21.23 -30.29
N THR A 73 8.96 22.56 -30.41
CA THR A 73 9.15 23.18 -31.74
C THR A 73 10.52 22.80 -32.30
N GLU A 74 11.55 22.77 -31.46
CA GLU A 74 12.94 22.46 -31.89
C GLU A 74 13.06 21.01 -32.41
N SER A 75 12.68 20.03 -31.58
CA SER A 75 12.80 18.59 -31.93
C SER A 75 11.85 18.17 -33.05
N SER A 76 10.60 18.61 -32.98
CA SER A 76 9.62 18.16 -34.02
C SER A 76 10.13 18.56 -35.41
N ASN A 77 10.67 19.77 -35.54
CA ASN A 77 11.19 20.28 -36.83
C ASN A 77 12.55 19.66 -37.12
N ARG A 78 13.42 19.51 -36.10
CA ARG A 78 14.76 18.94 -36.38
C ARG A 78 14.65 17.48 -36.85
N LEU A 79 13.62 16.74 -36.39
CA LEU A 79 13.42 15.35 -36.84
C LEU A 79 13.19 15.32 -38.36
N GLU A 80 12.84 16.48 -38.92
CA GLU A 80 12.56 16.63 -40.37
C GLU A 80 13.72 17.37 -41.05
N GLY A 81 14.83 17.54 -40.32
CA GLY A 81 16.04 18.23 -40.86
C GLY A 81 15.88 19.73 -40.89
N VAL A 82 14.90 20.29 -40.17
CA VAL A 82 14.70 21.77 -40.17
C VAL A 82 15.26 22.32 -38.86
N VAL A 83 16.27 23.18 -38.97
CA VAL A 83 16.94 23.80 -37.79
C VAL A 83 17.08 25.30 -38.07
N VAL A 84 17.24 26.09 -37.00
CA VAL A 84 17.42 27.57 -37.04
C VAL A 84 18.54 27.90 -36.05
N ALA A 85 19.13 29.10 -36.13
CA ALA A 85 20.21 29.46 -35.16
C ALA A 85 19.62 29.36 -33.75
N PRO A 86 20.38 28.85 -32.74
CA PRO A 86 19.86 28.72 -31.38
C PRO A 86 19.20 29.99 -30.80
N SER A 87 19.76 31.16 -31.11
CA SER A 87 19.20 32.45 -30.62
C SER A 87 17.89 32.79 -31.32
N ARG A 88 17.74 32.42 -32.61
CA ARG A 88 16.48 32.69 -33.36
C ARG A 88 15.36 31.80 -32.82
N LEU A 89 15.69 30.54 -32.48
CA LEU A 89 14.69 29.61 -31.92
C LEU A 89 13.99 30.30 -30.73
N LYS A 90 14.79 30.82 -29.78
CA LYS A 90 14.28 31.53 -28.57
C LYS A 90 13.30 32.63 -29.01
N SER A 91 13.77 33.56 -29.85
CA SER A 91 12.99 34.72 -30.35
C SER A 91 11.68 34.29 -31.01
N LEU A 92 11.75 33.35 -31.95
CA LEU A 92 10.52 32.87 -32.66
C LEU A 92 9.50 32.30 -31.68
N VAL A 93 9.93 31.37 -30.82
CA VAL A 93 9.00 30.69 -29.87
C VAL A 93 8.58 31.56 -28.69
N LEU A 94 9.53 32.17 -27.97
CA LEU A 94 9.21 32.94 -26.74
C LEU A 94 8.84 34.42 -26.99
N ARG A 95 9.54 35.15 -27.87
CA ARG A 95 9.24 36.60 -28.05
C ARG A 95 8.53 36.84 -29.39
N ASN A 96 7.66 35.91 -29.79
CA ASN A 96 6.85 35.98 -31.04
C ASN A 96 7.56 36.79 -32.14
N ALA A 97 8.71 36.31 -32.62
CA ALA A 97 9.47 37.02 -33.68
C ALA A 97 8.90 36.65 -35.05
N MET A 98 9.19 37.46 -36.07
CA MET A 98 8.72 37.20 -37.46
C MET A 98 9.74 36.35 -38.19
N PRO A 99 9.31 35.28 -38.88
CA PRO A 99 10.22 34.40 -39.62
C PRO A 99 10.81 35.16 -40.81
N LYS A 100 12.09 34.95 -41.09
CA LYS A 100 12.81 35.66 -42.19
C LYS A 100 13.18 34.71 -43.33
N ASN A 101 13.10 33.39 -43.12
CA ASN A 101 13.45 32.42 -44.19
C ASN A 101 12.57 31.16 -44.09
N ARG A 102 12.74 30.24 -45.04
CA ARG A 102 11.95 28.98 -45.12
C ARG A 102 11.99 28.21 -43.79
N SER A 103 13.18 28.00 -43.22
CA SER A 103 13.29 27.24 -41.95
C SER A 103 12.50 27.94 -40.82
N GLU A 104 12.70 29.24 -40.64
CA GLU A 104 11.99 29.98 -39.56
C GLU A 104 10.47 29.95 -39.80
N GLN A 105 10.02 29.95 -41.06
CA GLN A 105 8.57 29.91 -41.39
C GLN A 105 7.95 28.58 -40.94
N GLU A 106 8.73 27.51 -41.01
CA GLU A 106 8.23 26.16 -40.60
C GLU A 106 8.22 26.11 -39.08
N ILE A 107 9.16 26.80 -38.42
CA ILE A 107 9.22 26.86 -36.93
C ILE A 107 8.01 27.66 -36.43
N ALA A 108 7.83 28.89 -36.94
CA ALA A 108 6.69 29.75 -36.52
C ALA A 108 5.37 29.03 -36.76
N GLY A 109 5.30 28.21 -37.82
CA GLY A 109 4.08 27.47 -38.16
C GLY A 109 3.78 26.42 -37.10
N TYR A 110 4.79 25.61 -36.75
CA TYR A 110 4.62 24.56 -35.73
C TYR A 110 4.30 25.26 -34.40
N ARG A 111 5.02 26.34 -34.09
CA ARG A 111 4.85 27.16 -32.87
C ARG A 111 3.37 27.55 -32.71
N ASP A 112 2.78 28.13 -33.77
CA ASP A 112 1.36 28.56 -33.72
C ASP A 112 0.46 27.33 -33.55
N ALA A 113 0.70 26.26 -34.31
CA ALA A 113 -0.16 25.06 -34.18
C ALA A 113 -0.09 24.54 -32.75
N LEU A 114 1.13 24.38 -32.24
CA LEU A 114 1.41 23.88 -30.86
C LEU A 114 0.70 24.78 -29.84
N ALA A 115 0.88 26.09 -29.96
CA ALA A 115 0.25 27.09 -29.06
C ALA A 115 -1.26 26.86 -29.01
N LEU A 116 -1.89 26.67 -30.17
CA LEU A 116 -3.36 26.49 -30.22
C LEU A 116 -3.78 25.20 -29.52
N ILE A 117 -3.09 24.10 -29.80
CA ILE A 117 -3.44 22.80 -29.16
C ILE A 117 -3.32 22.92 -27.63
N HIS A 118 -2.23 23.51 -27.13
CA HIS A 118 -2.08 23.62 -25.65
C HIS A 118 -3.22 24.43 -25.04
N GLU A 119 -3.76 25.41 -25.77
CA GLU A 119 -4.81 26.30 -25.22
C GLU A 119 -6.23 25.92 -25.63
N SER A 120 -6.42 24.97 -26.56
CA SER A 120 -7.81 24.70 -27.00
C SER A 120 -8.12 23.24 -27.33
N ALA A 121 -7.14 22.34 -27.20
CA ALA A 121 -7.36 20.91 -27.53
C ALA A 121 -8.73 20.37 -27.06
N THR A 122 -9.16 20.71 -25.85
CA THR A 122 -10.44 20.17 -25.31
C THR A 122 -11.66 20.72 -26.05
N HIS A 123 -11.46 21.69 -26.95
CA HIS A 123 -12.57 22.28 -27.75
C HIS A 123 -12.44 21.86 -29.23
N MET A 124 -11.34 21.19 -29.57
CA MET A 124 -11.04 20.78 -30.96
C MET A 124 -11.18 19.27 -31.11
N PRO A 125 -12.29 18.78 -31.70
CA PRO A 125 -12.49 17.35 -31.89
C PRO A 125 -11.55 16.84 -32.98
N PHE A 126 -11.40 15.52 -33.09
CA PHE A 126 -10.53 14.90 -34.13
C PHE A 126 -11.39 14.67 -35.35
N SER A 127 -11.55 15.73 -36.15
CA SER A 127 -12.36 15.80 -37.38
C SER A 127 -11.50 16.30 -38.54
N GLU A 128 -11.90 16.01 -39.79
CA GLU A 128 -11.09 16.52 -40.92
C GLU A 128 -10.90 18.03 -40.76
N GLY A 129 -11.95 18.73 -40.35
CA GLY A 129 -11.92 20.20 -40.18
C GLY A 129 -10.77 20.64 -39.30
N VAL A 130 -10.65 20.02 -38.13
CA VAL A 130 -9.57 20.37 -37.16
C VAL A 130 -8.21 20.00 -37.77
N VAL A 131 -8.10 18.81 -38.36
CA VAL A 131 -6.79 18.40 -38.94
C VAL A 131 -6.37 19.41 -40.01
N LEU A 132 -7.30 19.77 -40.91
CA LEU A 132 -6.99 20.75 -41.99
C LEU A 132 -6.67 22.10 -41.35
N GLN A 133 -7.35 22.44 -40.25
CA GLN A 133 -7.12 23.73 -39.58
C GLN A 133 -5.68 23.78 -39.08
N LEU A 134 -5.24 22.72 -38.40
CA LEU A 134 -3.86 22.65 -37.84
C LEU A 134 -2.85 22.62 -38.99
N HIS A 135 -3.11 21.82 -40.02
CA HIS A 135 -2.17 21.78 -41.16
C HIS A 135 -2.04 23.19 -41.74
N THR A 136 -3.15 23.94 -41.81
CA THR A 136 -3.12 25.32 -42.38
C THR A 136 -2.21 26.21 -41.52
N LEU A 137 -2.27 26.10 -40.19
CA LEU A 137 -1.40 26.94 -39.33
C LEU A 137 0.06 26.56 -39.57
N LEU A 138 0.36 25.27 -39.54
CA LEU A 138 1.74 24.74 -39.73
C LEU A 138 2.39 25.38 -40.95
N TYR A 139 1.60 25.64 -42.01
CA TYR A 139 2.16 26.25 -43.24
C TYR A 139 1.50 27.61 -43.49
N ARG A 140 1.37 28.44 -42.47
CA ARG A 140 0.72 29.76 -42.70
C ARG A 140 1.79 30.82 -42.96
N TYR A 141 3.08 30.49 -42.74
CA TYR A 141 4.15 31.52 -42.99
C TYR A 141 4.87 31.19 -44.32
N MET A 142 4.42 30.15 -45.03
CA MET A 142 5.02 29.70 -46.31
C MET A 142 4.37 30.48 -47.45
N PRO A 143 5.14 31.03 -48.41
CA PRO A 143 4.54 31.77 -49.53
C PRO A 143 4.13 30.83 -50.66
N ALA A 180 -7.77 9.52 -46.64
CA ALA A 180 -9.17 9.30 -46.18
C ALA A 180 -9.30 9.74 -44.71
N MET A 181 -9.00 11.02 -44.42
CA MET A 181 -9.12 11.53 -43.03
C MET A 181 -10.55 11.35 -42.52
N ALA A 182 -11.51 11.36 -43.44
CA ALA A 182 -12.94 11.16 -43.06
C ALA A 182 -13.11 9.73 -42.52
N ASP A 183 -12.39 8.78 -43.12
CA ASP A 183 -12.49 7.36 -42.71
C ASP A 183 -11.70 7.16 -41.40
N LEU A 184 -10.58 7.89 -41.21
CA LEU A 184 -9.75 7.75 -39.98
C LEU A 184 -10.54 8.29 -38.79
N THR A 185 -10.90 9.58 -38.86
CA THR A 185 -11.68 10.29 -37.81
C THR A 185 -12.97 9.54 -37.50
N GLY A 186 -13.56 8.92 -38.53
CA GLY A 186 -14.83 8.18 -38.36
C GLY A 186 -14.64 6.89 -37.59
N ARG A 187 -13.61 6.11 -37.95
CA ARG A 187 -13.31 4.83 -37.28
C ARG A 187 -12.90 5.11 -35.83
N TYR A 188 -12.05 6.13 -35.65
CA TYR A 188 -11.59 6.54 -34.31
C TYR A 188 -12.82 6.91 -33.48
N ALA A 189 -13.65 7.78 -34.03
CA ALA A 189 -14.88 8.23 -33.32
C ALA A 189 -15.75 7.02 -32.97
N SER A 190 -15.86 6.09 -33.90
CA SER A 190 -16.69 4.87 -33.72
C SER A 190 -16.07 3.97 -32.64
N ALA A 191 -14.73 3.87 -32.61
CA ALA A 191 -14.04 3.04 -31.59
C ALA A 191 -14.32 3.61 -30.19
N LEU A 192 -14.22 4.94 -30.01
CA LEU A 192 -14.54 5.58 -28.70
C LEU A 192 -16.00 5.31 -28.35
N ASP A 193 -16.90 5.80 -29.19
CA ASP A 193 -18.36 5.66 -28.99
C ASP A 193 -18.69 4.26 -28.46
N GLN A 194 -18.02 3.22 -28.97
CA GLN A 194 -18.34 1.82 -28.58
C GLN A 194 -17.32 1.20 -27.61
N HIS A 195 -16.36 1.98 -27.12
CA HIS A 195 -15.33 1.46 -26.17
C HIS A 195 -14.68 0.20 -26.74
N LEU A 196 -14.20 0.24 -27.99
CA LEU A 196 -13.57 -0.95 -28.62
C LEU A 196 -12.14 -1.13 -28.07
N ALA A 197 -11.60 -0.10 -27.45
CA ALA A 197 -10.23 -0.17 -26.87
C ALA A 197 -9.96 1.08 -26.05
N ASP A 198 -9.10 0.96 -25.05
CA ASP A 198 -8.75 2.13 -24.19
C ASP A 198 -8.13 3.23 -25.06
N PRO A 199 -8.38 4.53 -24.76
CA PRO A 199 -7.76 5.61 -25.53
C PRO A 199 -6.23 5.51 -25.63
N LEU A 200 -5.56 4.89 -24.66
CA LEU A 200 -4.08 4.77 -24.77
C LEU A 200 -3.73 3.77 -25.87
N VAL A 201 -4.75 3.15 -26.47
CA VAL A 201 -4.54 2.21 -27.60
C VAL A 201 -4.99 2.94 -28.88
N LEU A 202 -6.19 3.53 -28.85
CA LEU A 202 -6.73 4.26 -30.03
C LEU A 202 -5.81 5.41 -30.43
N VAL A 203 -5.44 6.28 -29.50
CA VAL A 203 -4.57 7.44 -29.85
C VAL A 203 -3.37 6.98 -30.68
N PRO A 204 -2.47 6.10 -30.15
CA PRO A 204 -1.31 5.66 -30.91
C PRO A 204 -1.66 4.92 -32.21
N LEU A 205 -2.68 4.04 -32.22
CA LEU A 205 -3.00 3.36 -33.50
C LEU A 205 -3.49 4.39 -34.53
N ALA A 206 -4.29 5.35 -34.09
CA ALA A 206 -4.80 6.39 -35.01
C ALA A 206 -3.62 7.12 -35.65
N MET A 207 -2.58 7.41 -34.87
CA MET A 207 -1.41 8.12 -35.43
C MET A 207 -0.62 7.19 -36.36
N LEU A 208 -0.60 5.88 -36.06
CA LEU A 208 0.11 4.94 -36.96
C LEU A 208 -0.62 4.99 -38.29
N ASP A 209 -1.95 4.90 -38.23
CA ASP A 209 -2.75 4.92 -39.47
C ASP A 209 -2.54 6.29 -40.15
N PHE A 210 -2.58 7.37 -39.39
CA PHE A 210 -2.38 8.70 -40.02
C PHE A 210 -1.09 8.71 -40.85
N LEU A 211 0.04 8.27 -40.25
CA LEU A 211 1.34 8.25 -40.99
C LEU A 211 1.28 7.35 -42.22
N CYS A 212 0.64 6.17 -42.11
CA CYS A 212 0.50 5.24 -43.27
C CYS A 212 -0.37 5.89 -44.36
N ILE A 213 -1.52 6.45 -43.98
CA ILE A 213 -2.45 7.16 -44.91
C ILE A 213 -1.69 8.27 -45.64
N HIS A 214 -0.67 8.87 -45.02
CA HIS A 214 0.13 9.98 -45.62
C HIS A 214 -0.85 10.93 -46.30
N PRO A 215 -1.79 11.53 -45.54
CA PRO A 215 -2.84 12.39 -46.11
C PRO A 215 -2.42 13.72 -46.76
N PHE A 216 -1.35 14.35 -46.30
CA PHE A 216 -0.97 15.63 -46.94
C PHE A 216 0.30 15.43 -47.74
N PRO A 217 0.56 16.25 -48.77
CA PRO A 217 1.80 16.11 -49.52
C PRO A 217 2.98 16.39 -48.59
N ASP A 218 2.81 17.34 -47.65
CA ASP A 218 3.88 17.75 -46.71
C ASP A 218 3.39 17.86 -45.26
N GLY A 219 4.30 17.65 -44.30
CA GLY A 219 4.03 17.80 -42.86
C GLY A 219 3.37 16.63 -42.18
N ASN A 220 3.35 15.45 -42.79
CA ASN A 220 2.66 14.29 -42.15
C ASN A 220 3.33 13.95 -40.81
N GLY A 221 4.66 13.91 -40.76
CA GLY A 221 5.37 13.57 -39.50
C GLY A 221 5.05 14.57 -38.40
N ARG A 222 5.24 15.86 -38.69
CA ARG A 222 4.97 16.94 -37.70
C ARG A 222 3.48 16.91 -37.35
N MET A 223 2.61 16.83 -38.36
CA MET A 223 1.15 16.75 -38.04
C MET A 223 0.87 15.57 -37.12
N SER A 224 1.55 14.43 -37.32
CA SER A 224 1.26 13.25 -36.45
C SER A 224 1.65 13.60 -35.01
N ARG A 225 2.76 14.31 -34.84
CA ARG A 225 3.23 14.69 -33.48
C ARG A 225 2.30 15.74 -32.86
N LEU A 226 1.76 16.65 -33.68
CA LEU A 226 0.83 17.69 -33.17
C LEU A 226 -0.48 17.01 -32.74
N LEU A 227 -1.01 16.12 -33.59
CA LEU A 227 -2.28 15.40 -33.29
C LEU A 227 -2.09 14.49 -32.07
N THR A 228 -0.88 14.01 -31.82
CA THR A 228 -0.66 13.16 -30.63
C THR A 228 -0.99 13.99 -29.38
N LEU A 229 -0.52 15.25 -29.32
CA LEU A 229 -0.77 16.13 -28.15
C LEU A 229 -2.26 16.40 -28.03
N LEU A 230 -2.91 16.68 -29.16
CA LEU A 230 -4.36 16.99 -29.22
C LEU A 230 -5.17 15.83 -28.63
N LEU A 231 -4.89 14.60 -29.08
CA LEU A 231 -5.67 13.43 -28.61
C LEU A 231 -5.34 13.11 -27.14
N LEU A 232 -4.08 13.23 -26.75
CA LEU A 232 -3.73 12.97 -25.33
C LEU A 232 -4.50 13.97 -24.44
N TYR A 233 -4.58 15.23 -24.86
CA TYR A 233 -5.35 16.19 -24.04
C TYR A 233 -6.81 15.78 -23.96
N HIS A 234 -7.35 15.14 -25.00
CA HIS A 234 -8.78 14.75 -24.92
C HIS A 234 -9.01 13.74 -23.78
N PHE A 235 -7.94 13.09 -23.30
CA PHE A 235 -8.11 12.09 -22.22
C PHE A 235 -7.36 12.56 -20.97
N ASP A 236 -7.06 13.86 -20.95
CA ASP A 236 -6.39 14.56 -19.83
C ASP A 236 -4.98 14.00 -19.54
N TYR A 237 -4.24 13.62 -20.59
CA TYR A 237 -2.83 13.19 -20.49
C TYR A 237 -2.03 14.45 -20.84
N ALA A 238 -1.98 15.36 -19.87
CA ALA A 238 -1.36 16.70 -19.99
C ALA A 238 0.16 16.70 -19.81
N VAL A 239 0.81 15.56 -19.61
CA VAL A 239 2.28 15.65 -19.38
C VAL A 239 2.94 16.39 -20.54
N GLY A 240 2.38 16.26 -21.75
CA GLY A 240 2.94 16.90 -22.95
C GLY A 240 3.13 18.41 -22.80
N ARG A 241 2.42 19.02 -21.86
CA ARG A 241 2.53 20.49 -21.63
C ARG A 241 3.77 20.84 -20.80
N TYR A 242 4.23 19.95 -19.91
CA TYR A 242 5.38 20.29 -19.03
C TYR A 242 6.65 19.52 -19.43
N ILE A 243 6.49 18.49 -20.25
CA ILE A 243 7.65 17.69 -20.76
C ILE A 243 7.41 17.49 -22.27
N SER A 244 8.35 17.95 -23.09
CA SER A 244 8.24 17.86 -24.57
C SER A 244 8.27 16.42 -25.07
N LEU A 245 7.14 15.92 -25.60
CA LEU A 245 7.07 14.55 -26.16
C LEU A 245 7.90 14.48 -27.43
N GLU A 246 7.83 15.52 -28.27
CA GLU A 246 8.63 15.53 -29.51
C GLU A 246 10.09 15.30 -29.11
N ARG A 247 10.59 16.05 -28.12
CA ARG A 247 12.00 15.87 -27.66
C ARG A 247 12.22 14.44 -27.18
N ILE A 248 11.34 13.94 -26.30
CA ILE A 248 11.52 12.55 -25.79
C ILE A 248 11.63 11.59 -26.97
N PHE A 249 10.83 11.79 -28.03
CA PHE A 249 10.92 10.90 -29.21
C PHE A 249 12.29 11.07 -29.88
N GLU A 250 12.71 12.33 -30.09
CA GLU A 250 14.01 12.64 -30.74
C GLU A 250 15.15 12.01 -29.96
N GLU A 251 15.02 11.89 -28.64
CA GLU A 251 16.11 11.28 -27.82
C GLU A 251 16.12 9.76 -27.99
N THR A 252 15.02 9.18 -28.50
CA THR A 252 14.92 7.71 -28.75
C THR A 252 14.53 7.56 -30.23
N LYS A 253 15.02 8.52 -31.03
CA LYS A 253 14.81 8.67 -32.49
C LYS A 253 14.92 7.31 -33.18
N GLU A 254 16.01 6.55 -32.97
CA GLU A 254 16.14 5.22 -33.62
C GLU A 254 14.90 4.38 -33.32
N GLY A 255 14.56 4.19 -32.05
CA GLY A 255 13.39 3.37 -31.67
C GLY A 255 12.10 3.88 -32.28
N TYR A 256 11.92 5.20 -32.28
CA TYR A 256 10.71 5.87 -32.85
C TYR A 256 10.49 5.41 -34.29
N TYR A 257 11.51 5.57 -35.13
CA TYR A 257 11.34 5.21 -36.56
C TYR A 257 11.34 3.69 -36.76
N GLU A 258 12.15 2.93 -36.00
CA GLU A 258 12.18 1.45 -36.18
C GLU A 258 10.81 0.84 -35.88
N THR A 259 10.21 1.21 -34.75
CA THR A 259 8.89 0.68 -34.32
C THR A 259 7.80 1.12 -35.32
N LEU A 260 7.83 2.37 -35.78
CA LEU A 260 6.81 2.83 -36.77
C LEU A 260 6.93 1.99 -38.04
N GLU A 261 8.16 1.75 -38.51
CA GLU A 261 8.34 0.97 -39.74
C GLU A 261 7.98 -0.50 -39.49
N ALA A 262 8.39 -1.04 -38.35
CA ALA A 262 8.07 -2.45 -38.02
C ALA A 262 6.56 -2.64 -37.92
N SER A 263 5.88 -1.74 -37.20
CA SER A 263 4.40 -1.84 -37.02
C SER A 263 3.64 -1.45 -38.29
N SER A 264 4.28 -0.74 -39.23
CA SER A 264 3.54 -0.37 -40.47
C SER A 264 3.83 -1.41 -41.58
N GLN A 265 4.45 -2.53 -41.21
CA GLN A 265 4.80 -3.59 -42.19
C GLN A 265 3.55 -4.48 -42.36
N GLY A 266 3.14 -4.74 -43.60
CA GLY A 266 1.93 -5.56 -43.85
C GLY A 266 0.65 -4.80 -43.51
N TRP A 267 0.78 -3.49 -43.26
CA TRP A 267 -0.37 -2.62 -42.90
C TRP A 267 -1.46 -2.66 -43.97
N HIS A 268 -1.08 -2.56 -45.25
CA HIS A 268 -2.10 -2.54 -46.33
C HIS A 268 -2.97 -3.81 -46.32
N GLN A 269 -2.44 -4.96 -45.89
CA GLN A 269 -3.19 -6.23 -45.84
C GLN A 269 -4.00 -6.34 -44.53
N GLY A 270 -3.71 -5.49 -43.54
CA GLY A 270 -4.38 -5.55 -42.22
C GLY A 270 -3.74 -6.61 -41.33
N GLN A 271 -2.57 -7.13 -41.74
CA GLN A 271 -1.82 -8.19 -41.01
C GLN A 271 -0.60 -7.58 -40.28
N HIS A 272 -0.63 -6.29 -39.98
CA HIS A 272 0.52 -5.63 -39.30
C HIS A 272 0.45 -5.87 -37.79
N ASP A 273 1.60 -5.76 -37.12
CA ASP A 273 1.78 -5.96 -35.65
C ASP A 273 2.02 -4.58 -34.99
N VAL A 274 1.10 -4.15 -34.14
CA VAL A 274 1.23 -2.80 -33.50
C VAL A 274 2.01 -2.85 -32.18
N LYS A 275 2.38 -4.03 -31.69
CA LYS A 275 3.08 -4.10 -30.37
C LYS A 275 4.38 -3.29 -30.40
N PRO A 276 5.23 -3.35 -31.44
CA PRO A 276 6.45 -2.55 -31.45
C PRO A 276 6.18 -1.05 -31.23
N TRP A 277 5.20 -0.49 -31.96
CA TRP A 277 4.84 0.94 -31.84
C TRP A 277 4.19 1.23 -30.49
N LEU A 278 3.20 0.44 -30.04
CA LEU A 278 2.58 0.68 -28.71
C LEU A 278 3.65 0.67 -27.62
N ASP A 279 4.40 -0.43 -27.50
CA ASP A 279 5.46 -0.51 -26.45
C ASP A 279 6.31 0.76 -26.49
N TYR A 280 6.71 1.21 -27.68
CA TYR A 280 7.58 2.42 -27.77
C TYR A 280 6.84 3.67 -27.29
N PHE A 281 5.60 3.83 -27.75
CA PHE A 281 4.76 5.01 -27.41
C PHE A 281 4.56 5.06 -25.90
N TRP A 282 3.98 4.01 -25.32
CA TRP A 282 3.76 3.97 -23.85
C TRP A 282 5.08 4.24 -23.12
N GLY A 283 6.18 3.71 -23.64
CA GLY A 283 7.51 3.91 -23.03
C GLY A 283 7.89 5.38 -23.00
N ALA A 284 7.71 6.09 -24.12
CA ALA A 284 8.05 7.53 -24.21
C ALA A 284 7.11 8.31 -23.28
N LEU A 285 5.86 7.88 -23.21
CA LEU A 285 4.87 8.58 -22.36
C LEU A 285 5.32 8.39 -20.91
N LEU A 286 5.81 7.19 -20.56
CA LEU A 286 6.33 6.96 -19.17
C LEU A 286 7.54 7.86 -18.94
N ARG A 287 8.54 7.81 -19.84
CA ARG A 287 9.74 8.69 -19.66
C ARG A 287 9.27 10.11 -19.35
N ALA A 288 8.20 10.58 -20.02
CA ALA A 288 7.67 11.95 -19.78
C ALA A 288 7.19 12.08 -18.34
N TYR A 289 6.34 11.16 -17.88
CA TYR A 289 5.83 11.22 -16.49
C TYR A 289 6.98 11.09 -15.48
N ARG A 290 7.87 10.08 -15.60
CA ARG A 290 9.02 9.95 -14.65
C ARG A 290 9.81 11.26 -14.63
N GLU A 291 10.05 11.84 -15.80
CA GLU A 291 10.85 13.10 -15.88
C GLU A 291 10.05 14.25 -15.24
N PHE A 292 8.72 14.22 -15.36
CA PHE A 292 7.87 15.27 -14.74
C PHE A 292 7.91 15.09 -13.23
N GLU A 293 7.81 13.83 -12.80
CA GLU A 293 7.83 13.46 -11.36
C GLU A 293 9.18 13.90 -10.78
N GLU A 294 10.30 13.54 -11.42
CA GLU A 294 11.65 13.93 -10.91
C GLU A 294 11.70 15.45 -10.69
N ARG A 295 10.74 16.23 -11.20
CA ARG A 295 10.82 17.70 -10.99
C ARG A 295 9.77 18.22 -9.98
N VAL A 296 8.70 17.48 -9.68
CA VAL A 296 7.67 18.05 -8.76
C VAL A 296 7.36 17.13 -7.56
N GLY A 297 8.33 16.34 -7.09
CA GLY A 297 8.12 15.44 -5.92
C GLY A 297 7.33 14.19 -6.29
N THR A 298 6.85 13.43 -5.28
CA THR A 298 6.07 12.18 -5.50
C THR A 298 4.79 12.21 -4.63
N ILE A 299 4.59 11.22 -3.74
CA ILE A 299 3.37 11.16 -2.86
C ILE A 299 3.70 10.59 -1.47
N GLU A 300 2.67 10.15 -0.73
CA GLU A 300 2.82 9.54 0.62
C GLU A 300 3.59 8.22 0.51
N MET B 19 -0.34 -23.30 -5.44
CA MET B 19 0.04 -21.88 -5.80
C MET B 19 0.06 -21.79 -7.32
N HIS B 20 -0.91 -22.49 -7.94
CA HIS B 20 -1.05 -22.61 -9.40
C HIS B 20 -1.32 -21.27 -10.08
N SER B 21 -1.81 -20.27 -9.34
CA SER B 21 -2.11 -18.96 -9.98
C SER B 21 -0.88 -18.04 -9.94
N LEU B 22 0.06 -18.27 -9.03
CA LEU B 22 1.25 -17.37 -8.89
C LEU B 22 2.53 -18.08 -9.37
N THR B 23 2.41 -18.97 -10.35
CA THR B 23 3.61 -19.66 -10.90
C THR B 23 4.09 -18.83 -12.08
N PRO B 24 5.42 -18.58 -12.24
CA PRO B 24 5.92 -17.81 -13.38
C PRO B 24 5.26 -18.22 -14.70
N GLU B 25 5.13 -19.53 -14.95
CA GLU B 25 4.51 -20.04 -16.21
C GLU B 25 3.05 -19.57 -16.32
N TYR B 26 2.28 -19.67 -15.24
CA TYR B 26 0.84 -19.28 -15.29
C TYR B 26 0.71 -17.77 -15.52
N LEU B 27 1.54 -16.97 -14.83
CA LEU B 27 1.52 -15.49 -14.92
C LEU B 27 2.06 -15.03 -16.27
N ALA B 28 3.17 -15.60 -16.74
CA ALA B 28 3.75 -15.20 -18.04
C ALA B 28 2.79 -15.57 -19.19
N ALA B 29 1.85 -16.49 -18.93
CA ALA B 29 0.88 -16.97 -19.94
C ALA B 29 -0.35 -16.05 -20.03
N LEU B 30 -0.80 -15.48 -18.92
CA LEU B 30 -2.00 -14.59 -18.90
C LEU B 30 -1.97 -13.57 -20.02
N ARG B 31 -3.11 -13.41 -20.68
CA ARG B 31 -3.34 -12.43 -21.78
C ARG B 31 -4.62 -11.65 -21.49
N PHE B 32 -4.61 -10.35 -21.76
CA PHE B 32 -5.81 -9.51 -21.46
C PHE B 32 -6.36 -8.89 -22.76
N ASP B 33 -7.70 -8.83 -22.87
CA ASP B 33 -8.34 -8.24 -24.07
C ASP B 33 -8.42 -6.72 -23.89
N GLY B 34 -8.94 -6.01 -24.88
CA GLY B 34 -9.07 -4.54 -24.82
C GLY B 34 -9.86 -4.05 -23.62
N THR B 35 -10.89 -4.80 -23.20
CA THR B 35 -11.73 -4.40 -22.04
C THR B 35 -10.90 -4.43 -20.76
N GLN B 36 -10.41 -5.62 -20.39
CA GLN B 36 -9.55 -5.83 -19.19
C GLN B 36 -8.46 -4.76 -19.14
N ALA B 37 -7.82 -4.49 -20.28
CA ALA B 37 -6.74 -3.47 -20.35
C ALA B 37 -7.29 -2.11 -19.93
N ALA B 38 -8.47 -1.73 -20.44
CA ALA B 38 -9.08 -0.43 -20.10
C ALA B 38 -9.41 -0.42 -18.60
N THR B 39 -9.91 -1.56 -18.08
CA THR B 39 -10.24 -1.66 -16.63
C THR B 39 -8.99 -1.34 -15.81
N LEU B 40 -7.87 -2.02 -16.11
CA LEU B 40 -6.62 -1.79 -15.36
C LEU B 40 -6.23 -0.31 -15.47
N ARG B 41 -6.35 0.27 -16.67
CA ARG B 41 -5.96 1.69 -16.82
C ARG B 41 -6.84 2.54 -15.91
N THR B 42 -8.14 2.27 -15.90
CA THR B 42 -9.14 3.03 -15.10
C THR B 42 -8.80 2.94 -13.61
N LEU B 43 -8.61 1.72 -13.09
CA LEU B 43 -8.24 1.54 -11.66
C LEU B 43 -6.94 2.29 -11.39
N GLY B 44 -5.98 2.22 -12.32
CA GLY B 44 -4.74 2.98 -12.13
C GLY B 44 -5.07 4.46 -11.99
N GLU B 45 -6.00 4.95 -12.80
CA GLU B 45 -6.42 6.37 -12.75
C GLU B 45 -6.97 6.67 -11.34
N TYR B 46 -7.97 5.90 -10.89
CA TYR B 46 -8.57 6.12 -9.55
C TYR B 46 -7.51 6.04 -8.43
N GLN B 47 -6.72 4.98 -8.42
CA GLN B 47 -5.69 4.83 -7.36
C GLN B 47 -4.95 6.16 -7.13
N GLY B 48 -4.33 6.70 -8.17
CA GLY B 48 -3.51 7.92 -8.03
C GLY B 48 -4.29 9.22 -7.91
N LYS B 49 -5.54 9.20 -7.46
CA LYS B 49 -6.21 10.53 -7.38
C LYS B 49 -7.01 10.66 -6.08
N GLN B 50 -7.28 9.56 -5.36
CA GLN B 50 -8.07 9.67 -4.08
C GLN B 50 -7.24 10.36 -2.99
N GLN B 51 -5.94 10.58 -3.24
CA GLN B 51 -5.12 11.29 -2.22
C GLN B 51 -5.54 12.77 -2.20
N LEU B 52 -5.58 13.43 -3.36
CA LEU B 52 -6.01 14.86 -3.40
C LEU B 52 -7.54 14.94 -3.26
N TYR B 53 -8.27 13.94 -3.74
CA TYR B 53 -9.77 13.94 -3.67
C TYR B 53 -10.18 13.88 -2.19
N ALA B 54 -9.27 13.40 -1.34
CA ALA B 54 -9.48 13.30 0.12
C ALA B 54 -9.24 14.67 0.78
N ALA B 55 -8.01 15.19 0.65
CA ALA B 55 -7.62 16.49 1.23
C ALA B 55 -8.62 17.60 0.88
N GLN B 56 -9.30 17.51 -0.27
CA GLN B 56 -10.28 18.55 -0.72
C GLN B 56 -11.68 18.30 -0.12
N SER B 57 -11.92 17.14 0.50
CA SER B 57 -13.25 16.81 1.11
C SER B 57 -13.08 15.98 2.38
N PRO B 58 -12.37 16.48 3.42
CA PRO B 58 -12.15 15.71 4.64
C PRO B 58 -13.43 15.38 5.43
N GLU B 59 -14.38 16.31 5.43
CA GLU B 59 -15.66 16.10 6.17
C GLU B 59 -16.38 14.84 5.65
N ALA B 60 -16.79 14.86 4.39
CA ALA B 60 -17.54 13.74 3.77
C ALA B 60 -16.95 12.36 4.16
N LEU B 61 -15.61 12.23 4.11
CA LEU B 61 -14.89 10.96 4.41
C LEU B 61 -15.27 10.39 5.78
N LYS B 62 -14.92 11.12 6.85
CA LYS B 62 -15.19 10.65 8.23
C LYS B 62 -16.64 10.15 8.35
N GLY B 63 -17.55 10.67 7.52
CA GLY B 63 -18.96 10.23 7.57
C GLY B 63 -19.15 8.87 6.91
N LEU B 64 -18.51 8.68 5.75
CA LEU B 64 -18.55 7.42 4.96
C LEU B 64 -17.78 6.34 5.72
N ARG B 65 -16.73 6.72 6.43
CA ARG B 65 -15.92 5.74 7.18
C ARG B 65 -16.78 5.10 8.26
N GLN B 66 -17.53 5.90 9.04
CA GLN B 66 -18.36 5.27 10.10
C GLN B 66 -19.48 4.42 9.49
N ILE B 67 -19.67 4.49 8.17
CA ILE B 67 -20.74 3.67 7.55
C ILE B 67 -20.08 2.39 7.00
N ALA B 68 -18.95 2.54 6.32
CA ALA B 68 -18.23 1.39 5.72
C ALA B 68 -17.77 0.42 6.81
N VAL B 69 -17.23 0.94 7.91
CA VAL B 69 -16.74 0.07 9.02
C VAL B 69 -17.90 -0.81 9.51
N VAL B 70 -19.10 -0.23 9.68
CA VAL B 70 -20.27 -1.02 10.13
C VAL B 70 -20.68 -2.00 9.02
N GLU B 71 -20.87 -1.52 7.79
CA GLU B 71 -21.25 -2.37 6.64
C GLU B 71 -20.21 -3.49 6.43
N SER B 72 -18.92 -3.17 6.47
CA SER B 72 -17.86 -4.21 6.27
C SER B 72 -18.07 -5.38 7.25
N THR B 73 -18.18 -5.07 8.55
CA THR B 73 -18.35 -6.13 9.59
C THR B 73 -19.71 -6.83 9.38
N GLU B 74 -20.78 -6.06 9.19
CA GLU B 74 -22.15 -6.64 8.99
C GLU B 74 -22.16 -7.59 7.80
N SER B 75 -21.76 -7.09 6.63
CA SER B 75 -21.77 -7.82 5.34
C SER B 75 -20.81 -9.00 5.34
N SER B 76 -19.58 -8.83 5.81
CA SER B 76 -18.62 -9.97 5.77
C SER B 76 -19.14 -11.15 6.58
N ASN B 77 -19.76 -10.88 7.73
CA ASN B 77 -20.31 -11.94 8.62
C ASN B 77 -21.64 -12.48 8.09
N ARG B 78 -22.48 -11.63 7.50
CA ARG B 78 -23.79 -12.12 6.99
C ARG B 78 -23.57 -13.05 5.79
N LEU B 79 -22.50 -12.87 5.01
CA LEU B 79 -22.22 -13.78 3.86
C LEU B 79 -22.02 -15.20 4.39
N GLU B 80 -21.75 -15.31 5.70
CA GLU B 80 -21.50 -16.62 6.37
C GLU B 80 -22.70 -16.97 7.26
N GLY B 81 -23.83 -16.26 7.09
CA GLY B 81 -25.06 -16.50 7.86
C GLY B 81 -25.00 -16.01 9.29
N VAL B 82 -24.07 -15.11 9.62
CA VAL B 82 -23.93 -14.58 11.01
C VAL B 82 -24.50 -13.16 11.06
N VAL B 83 -25.55 -12.97 11.85
CA VAL B 83 -26.23 -11.66 12.02
C VAL B 83 -26.42 -11.38 13.50
N VAL B 84 -26.57 -10.10 13.87
CA VAL B 84 -26.81 -9.66 15.28
C VAL B 84 -27.94 -8.63 15.28
N ALA B 85 -28.45 -8.25 16.45
CA ALA B 85 -29.54 -7.24 16.51
C ALA B 85 -29.04 -5.94 15.88
N PRO B 86 -29.86 -5.24 15.08
CA PRO B 86 -29.44 -3.99 14.43
C PRO B 86 -28.82 -2.95 15.37
N SER B 87 -29.38 -2.76 16.58
CA SER B 87 -28.85 -1.78 17.56
C SER B 87 -27.52 -2.28 18.14
N ARG B 88 -27.40 -3.61 18.34
CA ARG B 88 -26.16 -4.24 18.89
C ARG B 88 -25.02 -4.11 17.89
N LEU B 89 -25.33 -4.22 16.59
CA LEU B 89 -24.28 -4.11 15.55
C LEU B 89 -23.53 -2.78 15.72
N LYS B 90 -24.27 -1.68 15.90
CA LYS B 90 -23.61 -0.35 16.06
C LYS B 90 -22.92 -0.27 17.42
N SER B 91 -23.56 -0.73 18.50
CA SER B 91 -22.89 -0.66 19.83
C SER B 91 -21.59 -1.48 19.79
N LEU B 92 -21.58 -2.62 19.09
CA LEU B 92 -20.36 -3.46 19.00
C LEU B 92 -19.26 -2.80 18.16
N VAL B 93 -19.57 -2.44 16.92
CA VAL B 93 -18.58 -1.86 15.96
C VAL B 93 -18.14 -0.43 16.33
N LEU B 94 -19.07 0.45 16.69
CA LEU B 94 -18.72 1.87 17.00
C LEU B 94 -18.43 2.12 18.48
N ARG B 95 -18.77 1.22 19.41
CA ARG B 95 -18.48 1.49 20.86
C ARG B 95 -17.63 0.37 21.47
N ASN B 96 -17.11 -0.54 20.65
CA ASN B 96 -16.27 -1.67 21.14
C ASN B 96 -16.98 -2.45 22.25
N ALA B 97 -18.31 -2.46 22.23
CA ALA B 97 -19.08 -3.21 23.25
C ALA B 97 -18.56 -4.64 23.36
N MET B 98 -18.85 -5.30 24.49
CA MET B 98 -18.40 -6.70 24.67
C MET B 98 -19.45 -7.63 24.10
N PRO B 99 -19.05 -8.68 23.36
CA PRO B 99 -20.01 -9.63 22.79
C PRO B 99 -20.72 -10.45 23.89
N LYS B 100 -22.01 -10.72 23.72
CA LYS B 100 -22.79 -11.45 24.75
C LYS B 100 -23.30 -12.80 24.23
N ASN B 101 -22.85 -13.23 23.04
CA ASN B 101 -23.27 -14.55 22.48
C ASN B 101 -22.30 -14.91 21.36
N ARG B 102 -22.45 -16.08 20.75
CA ARG B 102 -21.49 -16.47 19.67
C ARG B 102 -21.59 -15.51 18.49
N SER B 103 -22.81 -15.17 18.03
CA SER B 103 -22.92 -14.25 16.87
C SER B 103 -22.10 -12.98 17.10
N GLU B 104 -22.33 -12.30 18.24
CA GLU B 104 -21.61 -11.04 18.57
C GLU B 104 -20.09 -11.30 18.65
N GLN B 105 -19.68 -12.47 19.13
CA GLN B 105 -18.23 -12.80 19.27
C GLN B 105 -17.55 -12.84 17.89
N GLU B 106 -18.32 -13.19 16.86
CA GLU B 106 -17.71 -13.24 15.50
C GLU B 106 -17.73 -11.81 14.94
N ILE B 107 -18.78 -11.06 15.25
CA ILE B 107 -18.87 -9.64 14.80
C ILE B 107 -17.69 -8.88 15.44
N ALA B 108 -17.49 -9.07 16.74
CA ALA B 108 -16.42 -8.41 17.51
C ALA B 108 -15.03 -8.80 16.99
N GLY B 109 -14.84 -10.08 16.68
CA GLY B 109 -13.53 -10.55 16.17
C GLY B 109 -13.20 -9.88 14.85
N TYR B 110 -14.16 -9.85 13.93
CA TYR B 110 -13.94 -9.23 12.61
C TYR B 110 -13.67 -7.74 12.83
N ARG B 111 -14.51 -7.10 13.66
CA ARG B 111 -14.35 -5.66 14.00
C ARG B 111 -12.89 -5.36 14.36
N ASP B 112 -12.31 -6.16 15.25
CA ASP B 112 -10.92 -5.93 15.72
C ASP B 112 -9.90 -6.19 14.60
N ALA B 113 -10.07 -7.28 13.84
CA ALA B 113 -9.12 -7.57 12.74
C ALA B 113 -9.23 -6.47 11.68
N LEU B 114 -10.47 -6.08 11.36
CA LEU B 114 -10.73 -5.02 10.33
C LEU B 114 -10.08 -3.71 10.78
N ALA B 115 -10.25 -3.35 12.05
CA ALA B 115 -9.67 -2.09 12.57
C ALA B 115 -8.15 -2.17 12.52
N LEU B 116 -7.59 -3.35 12.80
CA LEU B 116 -6.11 -3.51 12.80
C LEU B 116 -5.58 -3.24 11.39
N ILE B 117 -6.26 -3.82 10.39
CA ILE B 117 -5.84 -3.64 8.97
C ILE B 117 -5.98 -2.16 8.59
N HIS B 118 -7.13 -1.54 8.88
CA HIS B 118 -7.34 -0.11 8.50
C HIS B 118 -6.31 0.83 9.16
N GLU B 119 -5.55 0.37 10.15
CA GLU B 119 -4.61 1.32 10.81
C GLU B 119 -3.15 0.89 10.68
N SER B 120 -2.84 -0.39 10.40
CA SER B 120 -1.43 -0.82 10.32
C SER B 120 -1.14 -1.59 9.03
N ALA B 121 -2.09 -1.62 8.10
CA ALA B 121 -1.89 -2.36 6.83
C ALA B 121 -0.48 -2.15 6.25
N THR B 122 0.08 -0.94 6.30
CA THR B 122 1.42 -0.74 5.68
C THR B 122 2.56 -1.22 6.58
N HIS B 123 2.25 -1.82 7.73
CA HIS B 123 3.31 -2.39 8.61
C HIS B 123 3.05 -3.89 8.74
N MET B 124 2.09 -4.38 7.94
CA MET B 124 1.67 -5.80 7.98
C MET B 124 1.88 -6.44 6.61
N PRO B 125 3.08 -6.98 6.34
CA PRO B 125 3.35 -7.64 5.07
C PRO B 125 2.50 -8.92 4.95
N PHE B 126 2.40 -9.47 3.74
CA PHE B 126 1.62 -10.71 3.54
C PHE B 126 2.53 -11.89 3.88
N SER B 127 2.75 -12.07 5.19
CA SER B 127 3.59 -13.13 5.81
C SER B 127 2.70 -14.12 6.57
N GLU B 128 3.19 -15.34 6.83
CA GLU B 128 2.35 -16.30 7.60
C GLU B 128 2.02 -15.69 8.97
N GLY B 129 2.96 -14.92 9.52
CA GLY B 129 2.79 -14.27 10.83
C GLY B 129 1.58 -13.35 10.84
N VAL B 130 1.55 -12.40 9.91
CA VAL B 130 0.41 -11.44 9.80
C VAL B 130 -0.89 -12.22 9.58
N VAL B 131 -0.87 -13.24 8.72
CA VAL B 131 -2.11 -14.03 8.45
C VAL B 131 -2.60 -14.67 9.76
N LEU B 132 -1.73 -15.32 10.52
CA LEU B 132 -2.15 -15.95 11.80
C LEU B 132 -2.54 -14.86 12.81
N GLN B 133 -1.80 -13.74 12.84
CA GLN B 133 -2.10 -12.64 13.78
C GLN B 133 -3.57 -12.24 13.62
N LEU B 134 -4.01 -12.11 12.36
CA LEU B 134 -5.39 -11.71 11.98
C LEU B 134 -6.36 -12.83 12.31
N HIS B 135 -6.05 -14.06 11.91
CA HIS B 135 -6.97 -15.20 12.20
C HIS B 135 -7.15 -15.31 13.72
N THR B 136 -6.08 -15.06 14.49
CA THR B 136 -6.15 -15.14 15.96
C THR B 136 -7.12 -14.06 16.46
N LEU B 137 -7.08 -12.84 15.92
CA LEU B 137 -8.03 -11.77 16.34
C LEU B 137 -9.47 -12.17 16.03
N LEU B 138 -9.70 -12.65 14.82
CA LEU B 138 -11.04 -13.05 14.35
C LEU B 138 -11.70 -14.01 15.36
N TYR B 139 -10.88 -14.81 16.06
CA TYR B 139 -11.37 -15.79 17.06
C TYR B 139 -10.92 -15.37 18.47
N ARG B 140 -10.78 -14.07 18.71
CA ARG B 140 -10.35 -13.55 20.03
C ARG B 140 -11.45 -13.76 21.08
N TYR B 141 -12.71 -13.50 20.71
CA TYR B 141 -13.88 -13.58 21.64
C TYR B 141 -14.52 -14.97 21.66
N MET B 142 -13.96 -15.94 20.95
CA MET B 142 -14.52 -17.32 20.88
C MET B 142 -13.96 -18.13 22.05
N PRO B 143 -14.81 -18.89 22.78
CA PRO B 143 -14.35 -19.71 23.92
C PRO B 143 -13.03 -20.47 23.70
N GLN B 144 -12.72 -20.83 22.45
CA GLN B 144 -11.45 -21.56 22.12
C GLN B 144 -10.38 -20.52 21.78
N ALA B 180 1.05 -24.94 2.24
CA ALA B 180 -0.03 -24.05 2.73
C ALA B 180 0.44 -22.59 2.60
N MET B 181 0.18 -21.76 3.62
CA MET B 181 0.58 -20.33 3.61
C MET B 181 2.08 -20.22 3.35
N ALA B 182 2.82 -21.31 3.61
CA ALA B 182 4.28 -21.35 3.39
C ALA B 182 4.61 -20.73 2.02
N ASP B 183 4.17 -21.38 0.93
CA ASP B 183 4.46 -20.89 -0.44
C ASP B 183 3.59 -19.68 -0.79
N LEU B 184 2.26 -19.83 -0.76
CA LEU B 184 1.34 -18.71 -1.14
C LEU B 184 2.01 -17.36 -0.84
N THR B 185 2.45 -17.15 0.41
CA THR B 185 3.09 -15.87 0.82
C THR B 185 4.43 -15.67 0.11
N GLY B 186 5.34 -16.65 0.21
CA GLY B 186 6.67 -16.53 -0.43
C GLY B 186 6.61 -16.55 -1.94
N ARG B 187 5.49 -17.01 -2.50
CA ARG B 187 5.27 -17.12 -3.97
C ARG B 187 4.90 -15.71 -4.48
N TYR B 188 4.00 -15.07 -3.73
CA TYR B 188 3.51 -13.70 -3.97
C TYR B 188 4.69 -12.74 -3.84
N ALA B 189 5.51 -12.95 -2.81
CA ALA B 189 6.70 -12.10 -2.54
C ALA B 189 7.62 -12.16 -3.75
N SER B 190 7.82 -13.39 -4.23
CA SER B 190 8.68 -13.69 -5.39
C SER B 190 8.09 -13.06 -6.66
N ALA B 191 6.75 -13.09 -6.78
CA ALA B 191 6.06 -12.51 -7.96
C ALA B 191 6.21 -10.97 -7.96
N LEU B 192 6.01 -10.32 -6.81
CA LEU B 192 6.17 -8.84 -6.73
C LEU B 192 7.61 -8.44 -7.01
N ASP B 193 8.55 -9.09 -6.32
CA ASP B 193 9.99 -8.75 -6.45
C ASP B 193 10.43 -8.74 -7.92
N GLN B 194 9.96 -9.71 -8.71
CA GLN B 194 10.36 -9.84 -10.15
C GLN B 194 9.36 -9.14 -11.08
N HIS B 195 8.29 -8.56 -10.55
CA HIS B 195 7.28 -7.86 -11.37
C HIS B 195 6.67 -8.82 -12.41
N LEU B 196 6.27 -10.01 -11.99
CA LEU B 196 5.69 -11.00 -12.95
C LEU B 196 4.27 -10.57 -13.35
N ALA B 197 3.69 -9.60 -12.64
CA ALA B 197 2.32 -9.15 -12.97
C ALA B 197 2.01 -7.90 -12.16
N ASP B 198 1.04 -7.12 -12.64
CA ASP B 198 0.64 -5.90 -11.92
C ASP B 198 0.01 -6.31 -10.58
N PRO B 199 0.16 -5.52 -9.50
CA PRO B 199 -0.47 -5.86 -8.22
C PRO B 199 -2.00 -6.07 -8.36
N LEU B 200 -2.66 -5.43 -9.33
CA LEU B 200 -4.13 -5.66 -9.46
C LEU B 200 -4.40 -7.08 -9.99
N VAL B 201 -3.34 -7.81 -10.36
CA VAL B 201 -3.50 -9.22 -10.84
C VAL B 201 -3.06 -10.13 -9.68
N LEU B 202 -1.89 -9.85 -9.09
CA LEU B 202 -1.34 -10.67 -7.97
C LEU B 202 -2.35 -10.75 -6.83
N VAL B 203 -2.85 -9.61 -6.37
CA VAL B 203 -3.81 -9.58 -5.21
C VAL B 203 -4.98 -10.52 -5.44
N PRO B 204 -5.85 -10.31 -6.45
CA PRO B 204 -7.00 -11.20 -6.64
C PRO B 204 -6.59 -12.67 -6.83
N LEU B 205 -5.49 -12.95 -7.55
CA LEU B 205 -5.09 -14.38 -7.73
C LEU B 205 -4.62 -14.97 -6.39
N ALA B 206 -3.94 -14.18 -5.56
CA ALA B 206 -3.46 -14.69 -4.25
C ALA B 206 -4.65 -15.08 -3.39
N MET B 207 -5.76 -14.34 -3.49
CA MET B 207 -6.96 -14.65 -2.69
C MET B 207 -7.65 -15.88 -3.27
N LEU B 208 -7.64 -16.03 -4.60
CA LEU B 208 -8.27 -17.22 -5.21
C LEU B 208 -7.52 -18.45 -4.66
N ASP B 209 -6.19 -18.38 -4.69
CA ASP B 209 -5.34 -19.49 -4.17
C ASP B 209 -5.62 -19.66 -2.67
N PHE B 210 -5.70 -18.55 -1.93
CA PHE B 210 -5.96 -18.65 -0.48
C PHE B 210 -7.26 -19.44 -0.22
N LEU B 211 -8.33 -19.09 -0.94
CA LEU B 211 -9.64 -19.80 -0.76
C LEU B 211 -9.52 -21.26 -1.20
N CYS B 212 -8.83 -21.54 -2.30
CA CYS B 212 -8.70 -22.96 -2.76
C CYS B 212 -7.88 -23.76 -1.73
N ILE B 213 -6.86 -23.16 -1.11
CA ILE B 213 -6.03 -23.87 -0.09
C ILE B 213 -6.89 -24.17 1.14
N HIS B 214 -7.81 -23.28 1.48
CA HIS B 214 -8.70 -23.47 2.66
C HIS B 214 -7.81 -23.88 3.83
N PRO B 215 -6.83 -23.04 4.23
CA PRO B 215 -5.88 -23.37 5.28
C PRO B 215 -6.39 -23.45 6.73
N PHE B 216 -7.43 -22.70 7.07
CA PHE B 216 -7.94 -22.76 8.46
C PHE B 216 -9.17 -23.64 8.56
N PRO B 217 -9.38 -24.35 9.69
CA PRO B 217 -10.58 -25.16 9.85
C PRO B 217 -11.80 -24.25 9.61
N ASP B 218 -11.77 -23.02 10.13
CA ASP B 218 -12.90 -22.05 9.97
C ASP B 218 -12.39 -20.62 9.77
N GLY B 219 -13.18 -19.79 9.08
CA GLY B 219 -12.87 -18.36 8.84
C GLY B 219 -12.32 -18.04 7.45
N ASN B 220 -11.92 -19.05 6.69
CA ASN B 220 -11.34 -18.86 5.32
C ASN B 220 -12.06 -17.78 4.52
N GLY B 221 -13.40 -17.76 4.55
CA GLY B 221 -14.15 -16.75 3.78
C GLY B 221 -13.86 -15.35 4.29
N ARG B 222 -14.18 -15.11 5.56
CA ARG B 222 -13.94 -13.78 6.18
C ARG B 222 -12.45 -13.43 6.04
N MET B 223 -11.56 -14.38 6.27
CA MET B 223 -10.10 -14.10 6.15
C MET B 223 -9.76 -13.59 4.75
N SER B 224 -10.29 -14.23 3.70
CA SER B 224 -9.95 -13.78 2.32
C SER B 224 -10.37 -12.32 2.15
N ARG B 225 -11.54 -11.95 2.69
CA ARG B 225 -12.04 -10.56 2.57
C ARG B 225 -11.15 -9.60 3.37
N LEU B 226 -10.69 -10.02 4.56
CA LEU B 226 -9.78 -9.17 5.38
C LEU B 226 -8.45 -9.01 4.63
N LEU B 227 -7.88 -10.12 4.15
CA LEU B 227 -6.58 -10.09 3.41
C LEU B 227 -6.71 -9.25 2.14
N THR B 228 -7.90 -9.22 1.52
CA THR B 228 -8.11 -8.43 0.28
C THR B 228 -7.83 -6.95 0.61
N LEU B 229 -8.40 -6.47 1.73
CA LEU B 229 -8.18 -5.06 2.15
C LEU B 229 -6.70 -4.86 2.47
N LEU B 230 -6.10 -5.80 3.20
CA LEU B 230 -4.67 -5.69 3.58
C LEU B 230 -3.80 -5.46 2.34
N LEU B 231 -3.88 -6.39 1.38
CA LEU B 231 -3.05 -6.28 0.15
C LEU B 231 -3.38 -5.03 -0.66
N LEU B 232 -4.67 -4.71 -0.87
CA LEU B 232 -5.04 -3.49 -1.64
C LEU B 232 -4.37 -2.26 -1.01
N TYR B 233 -4.30 -2.18 0.32
CA TYR B 233 -3.63 -1.01 0.93
C TYR B 233 -2.14 -1.01 0.60
N HIS B 234 -1.55 -2.19 0.42
CA HIS B 234 -0.10 -2.17 0.12
C HIS B 234 0.13 -1.47 -1.23
N PHE B 235 -0.92 -1.26 -2.02
CA PHE B 235 -0.73 -0.62 -3.35
C PHE B 235 -1.55 0.68 -3.46
N ASP B 236 -1.96 1.22 -2.31
CA ASP B 236 -2.69 2.51 -2.20
C ASP B 236 -4.13 2.43 -2.72
N TYR B 237 -4.77 1.26 -2.61
CA TYR B 237 -6.20 1.17 -3.01
C TYR B 237 -6.99 1.23 -1.69
N ALA B 238 -7.09 2.45 -1.15
CA ALA B 238 -7.73 2.71 0.16
C ALA B 238 -9.25 2.97 0.08
N VAL B 239 -9.88 2.74 -1.08
CA VAL B 239 -11.35 2.99 -1.17
C VAL B 239 -12.09 2.08 -0.17
N GLY B 240 -11.52 0.91 0.15
CA GLY B 240 -12.19 -0.05 1.07
C GLY B 240 -12.52 0.53 2.44
N ARG B 241 -11.91 1.66 2.78
CA ARG B 241 -12.10 2.36 4.08
C ARG B 241 -13.33 3.28 4.06
N TYR B 242 -13.70 3.78 2.88
CA TYR B 242 -14.82 4.75 2.76
C TYR B 242 -16.03 4.08 2.09
N ILE B 243 -15.80 2.99 1.37
CA ILE B 243 -16.88 2.21 0.71
C ILE B 243 -16.55 0.74 0.99
N SER B 244 -17.44 0.06 1.72
CA SER B 244 -17.29 -1.36 2.14
C SER B 244 -17.17 -2.32 0.94
N LEU B 245 -15.99 -2.91 0.73
CA LEU B 245 -15.85 -3.90 -0.37
C LEU B 245 -16.67 -5.15 -0.05
N GLU B 246 -16.75 -5.51 1.24
CA GLU B 246 -17.53 -6.71 1.65
C GLU B 246 -18.99 -6.49 1.24
N ARG B 247 -19.53 -5.30 1.50
CA ARG B 247 -20.94 -4.98 1.12
C ARG B 247 -21.12 -5.08 -0.39
N ILE B 248 -20.20 -4.46 -1.15
CA ILE B 248 -20.25 -4.51 -2.63
C ILE B 248 -20.25 -5.97 -3.08
N PHE B 249 -19.49 -6.82 -2.39
CA PHE B 249 -19.48 -8.26 -2.76
C PHE B 249 -20.85 -8.86 -2.38
N GLU B 250 -21.35 -8.55 -1.18
CA GLU B 250 -22.64 -9.11 -0.72
C GLU B 250 -23.77 -8.69 -1.66
N GLU B 251 -23.74 -7.45 -2.15
CA GLU B 251 -24.79 -6.94 -3.07
C GLU B 251 -24.74 -7.71 -4.39
N THR B 252 -23.62 -8.38 -4.68
CA THR B 252 -23.45 -9.17 -5.92
C THR B 252 -22.95 -10.57 -5.56
N LYS B 253 -23.46 -11.12 -4.45
CA LYS B 253 -23.04 -12.46 -3.95
C LYS B 253 -23.12 -13.52 -5.06
N GLU B 254 -24.16 -13.51 -5.90
CA GLU B 254 -24.29 -14.52 -6.99
C GLU B 254 -23.00 -14.52 -7.83
N GLY B 255 -22.54 -13.34 -8.26
CA GLY B 255 -21.31 -13.20 -9.07
C GLY B 255 -20.07 -13.59 -8.29
N TYR B 256 -20.00 -13.16 -7.02
CA TYR B 256 -18.86 -13.47 -6.12
C TYR B 256 -18.60 -14.98 -6.13
N TYR B 257 -19.63 -15.78 -5.81
CA TYR B 257 -19.48 -17.26 -5.74
C TYR B 257 -19.44 -17.91 -7.13
N GLU B 258 -20.25 -17.47 -8.11
CA GLU B 258 -20.20 -18.10 -9.47
C GLU B 258 -18.79 -18.01 -10.05
N THR B 259 -18.15 -16.86 -9.90
CA THR B 259 -16.78 -16.65 -10.45
C THR B 259 -15.75 -17.42 -9.63
N LEU B 260 -15.85 -17.42 -8.29
CA LEU B 260 -14.87 -18.17 -7.47
C LEU B 260 -14.93 -19.66 -7.82
N GLU B 261 -16.13 -20.20 -8.02
CA GLU B 261 -16.28 -21.63 -8.35
C GLU B 261 -15.83 -21.85 -9.81
N ALA B 262 -16.11 -20.88 -10.68
CA ALA B 262 -15.74 -20.99 -12.11
C ALA B 262 -14.21 -20.93 -12.27
N SER B 263 -13.58 -19.91 -11.67
CA SER B 263 -12.10 -19.72 -11.79
C SER B 263 -11.32 -20.75 -10.96
N SER B 264 -11.99 -21.62 -10.21
CA SER B 264 -11.24 -22.65 -9.44
C SER B 264 -11.38 -24.03 -10.10
N GLN B 265 -11.99 -24.10 -11.28
CA GLN B 265 -12.14 -25.40 -11.99
C GLN B 265 -10.78 -25.77 -12.58
N GLY B 266 -10.29 -26.99 -12.29
CA GLY B 266 -8.98 -27.44 -12.79
C GLY B 266 -7.84 -26.73 -12.09
N TRP B 267 -8.11 -26.16 -10.91
CA TRP B 267 -7.11 -25.42 -10.10
C TRP B 267 -5.96 -26.36 -9.67
N HIS B 268 -6.29 -27.58 -9.25
CA HIS B 268 -5.24 -28.54 -8.80
C HIS B 268 -4.24 -28.84 -9.93
N GLN B 269 -4.70 -29.01 -11.18
CA GLN B 269 -3.76 -29.28 -12.32
C GLN B 269 -3.14 -27.97 -12.82
N GLY B 270 -3.48 -26.83 -12.22
CA GLY B 270 -2.93 -25.52 -12.64
C GLY B 270 -3.39 -25.15 -14.04
N GLN B 271 -4.64 -25.50 -14.38
CA GLN B 271 -5.21 -25.21 -15.72
C GLN B 271 -6.61 -24.60 -15.56
N HIS B 272 -6.71 -23.61 -14.67
CA HIS B 272 -7.98 -22.91 -14.37
C HIS B 272 -7.99 -21.57 -15.11
N ASP B 273 -9.19 -21.05 -15.36
CA ASP B 273 -9.35 -19.74 -16.06
C ASP B 273 -9.63 -18.68 -14.98
N VAL B 274 -8.69 -17.76 -14.75
CA VAL B 274 -8.92 -16.72 -13.69
C VAL B 274 -9.70 -15.52 -14.23
N LYS B 275 -10.06 -15.51 -15.52
CA LYS B 275 -10.77 -14.32 -16.06
C LYS B 275 -12.10 -14.09 -15.33
N PRO B 276 -12.96 -15.11 -15.15
CA PRO B 276 -14.24 -14.89 -14.45
C PRO B 276 -14.05 -14.17 -13.11
N TRP B 277 -13.07 -14.61 -12.32
CA TRP B 277 -12.79 -14.00 -10.99
C TRP B 277 -12.19 -12.59 -11.14
N LEU B 278 -11.12 -12.43 -11.95
CA LEU B 278 -10.52 -11.08 -12.17
C LEU B 278 -11.59 -10.09 -12.61
N ASP B 279 -12.31 -10.41 -13.69
CA ASP B 279 -13.37 -9.50 -14.20
C ASP B 279 -14.31 -9.10 -13.05
N TYR B 280 -14.77 -10.07 -12.26
CA TYR B 280 -15.69 -9.76 -11.14
C TYR B 280 -15.03 -8.84 -10.12
N PHE B 281 -13.85 -9.25 -9.63
CA PHE B 281 -13.07 -8.49 -8.63
C PHE B 281 -12.88 -7.05 -9.12
N TRP B 282 -12.25 -6.85 -10.29
CA TRP B 282 -12.02 -5.47 -10.79
C TRP B 282 -13.35 -4.70 -10.90
N GLY B 283 -14.39 -5.36 -11.40
CA GLY B 283 -15.72 -4.72 -11.53
C GLY B 283 -16.19 -4.24 -10.18
N ALA B 284 -16.01 -5.06 -9.14
CA ALA B 284 -16.41 -4.71 -7.77
C ALA B 284 -15.58 -3.53 -7.27
N LEU B 285 -14.28 -3.55 -7.58
CA LEU B 285 -13.39 -2.46 -7.12
C LEU B 285 -13.83 -1.16 -7.83
N LEU B 286 -14.32 -1.27 -9.07
CA LEU B 286 -14.81 -0.06 -9.80
C LEU B 286 -16.07 0.46 -9.10
N ARG B 287 -17.11 -0.38 -8.93
CA ARG B 287 -18.38 0.09 -8.28
C ARG B 287 -17.99 0.90 -7.05
N ALA B 288 -17.01 0.40 -6.29
CA ALA B 288 -16.53 1.06 -5.05
C ALA B 288 -16.03 2.47 -5.36
N TYR B 289 -15.08 2.62 -6.28
CA TYR B 289 -14.57 3.98 -6.65
C TYR B 289 -15.68 4.82 -7.29
N ARG B 290 -16.43 4.29 -8.28
CA ARG B 290 -17.52 5.11 -8.87
C ARG B 290 -18.45 5.56 -7.73
N GLU B 291 -18.82 4.64 -6.84
CA GLU B 291 -19.74 4.94 -5.71
C GLU B 291 -19.11 5.95 -4.76
N PHE B 292 -17.79 5.93 -4.63
CA PHE B 292 -17.11 6.90 -3.73
C PHE B 292 -17.21 8.30 -4.35
N GLU B 293 -17.04 8.42 -5.67
CA GLU B 293 -17.13 9.75 -6.33
C GLU B 293 -18.57 10.29 -6.25
N GLU B 294 -19.60 9.43 -6.37
CA GLU B 294 -21.02 9.89 -6.26
C GLU B 294 -21.27 10.49 -4.88
N ARG B 295 -20.98 9.70 -3.82
CA ARG B 295 -21.16 10.05 -2.38
C ARG B 295 -20.37 11.30 -1.97
N VAL B 296 -19.11 11.44 -2.39
CA VAL B 296 -18.32 12.65 -2.03
C VAL B 296 -18.86 13.87 -2.81
N GLY B 297 -19.44 13.63 -4.00
CA GLY B 297 -20.01 14.69 -4.85
C GLY B 297 -21.38 15.18 -4.37
N THR B 298 -21.98 14.45 -3.41
CA THR B 298 -23.31 14.78 -2.81
C THR B 298 -23.10 15.49 -1.46
N ILE B 299 -22.55 14.77 -0.48
CA ILE B 299 -22.30 15.29 0.91
C ILE B 299 -21.53 16.62 0.89
N GLU B 300 -20.82 16.96 -0.20
CA GLU B 300 -20.04 18.23 -0.27
C GLU B 300 -20.82 19.32 -1.04
N ARG B 301 -21.97 18.99 -1.64
CA ARG B 301 -22.76 20.02 -2.37
C ARG B 301 -23.97 20.46 -1.53
N GLY B 302 -24.57 19.56 -0.75
CA GLY B 302 -25.72 19.91 0.11
C GLY B 302 -25.32 20.01 1.57
N ARG B 303 -24.45 20.98 1.90
CA ARG B 303 -23.95 21.17 3.30
C ARG B 303 -25.10 21.63 4.20
N MET C 19 23.35 1.01 17.84
CA MET C 19 23.18 -0.25 18.63
C MET C 19 24.56 -0.77 19.00
N HIS C 20 25.24 -0.07 19.90
CA HIS C 20 26.60 -0.47 20.31
C HIS C 20 26.55 -1.71 21.20
N SER C 21 25.38 -2.06 21.74
CA SER C 21 25.26 -3.25 22.64
C SER C 21 25.09 -4.55 21.86
N LEU C 22 24.71 -4.50 20.58
CA LEU C 22 24.50 -5.76 19.81
C LEU C 22 25.56 -5.94 18.72
N THR C 23 26.77 -5.46 18.95
CA THR C 23 27.86 -5.62 17.94
C THR C 23 28.67 -6.85 18.32
N PRO C 24 29.09 -7.68 17.34
CA PRO C 24 29.89 -8.87 17.64
C PRO C 24 31.03 -8.51 18.61
N GLU C 25 31.64 -7.32 18.42
CA GLU C 25 32.76 -6.85 19.29
C GLU C 25 32.28 -6.73 20.73
N TYR C 26 31.22 -5.96 20.96
CA TYR C 26 30.71 -5.75 22.34
C TYR C 26 30.24 -7.05 22.97
N LEU C 27 29.52 -7.88 22.21
CA LEU C 27 28.98 -9.16 22.74
C LEU C 27 30.12 -10.13 23.04
N ALA C 28 31.04 -10.32 22.10
CA ALA C 28 32.18 -11.25 22.31
C ALA C 28 33.00 -10.83 23.54
N ALA C 29 32.95 -9.55 23.90
CA ALA C 29 33.73 -9.01 25.04
C ALA C 29 32.98 -9.16 26.39
N LEU C 30 31.66 -9.37 26.37
CA LEU C 30 30.93 -9.50 27.65
C LEU C 30 31.47 -10.67 28.47
N ARG C 31 31.63 -10.44 29.78
CA ARG C 31 32.10 -11.45 30.75
C ARG C 31 31.14 -11.43 31.95
N PHE C 32 30.85 -12.60 32.50
CA PHE C 32 29.90 -12.70 33.64
C PHE C 32 30.63 -13.33 34.84
N ASP C 33 30.29 -12.88 36.05
CA ASP C 33 30.91 -13.41 37.28
C ASP C 33 30.10 -14.63 37.73
N GLY C 34 30.46 -15.22 38.88
CA GLY C 34 29.76 -16.42 39.42
C GLY C 34 28.32 -16.13 39.80
N THR C 35 28.02 -14.91 40.25
CA THR C 35 26.65 -14.51 40.65
C THR C 35 25.75 -14.44 39.41
N GLN C 36 26.20 -13.73 38.37
CA GLN C 36 25.44 -13.61 37.09
C GLN C 36 25.22 -15.01 36.51
N ALA C 37 26.28 -15.81 36.45
CA ALA C 37 26.22 -17.19 35.91
C ALA C 37 25.05 -17.93 36.57
N ALA C 38 25.03 -17.94 37.91
CA ALA C 38 23.95 -18.61 38.69
C ALA C 38 22.58 -17.98 38.38
N THR C 39 22.52 -16.64 38.23
CA THR C 39 21.24 -15.94 37.93
C THR C 39 20.68 -16.47 36.61
N LEU C 40 21.54 -16.61 35.58
CA LEU C 40 21.10 -17.14 34.25
C LEU C 40 20.60 -18.58 34.42
N ARG C 41 21.38 -19.42 35.09
CA ARG C 41 21.04 -20.85 35.33
C ARG C 41 19.69 -20.90 36.07
N THR C 42 19.51 -20.05 37.09
CA THR C 42 18.25 -19.99 37.88
C THR C 42 17.07 -19.67 36.95
N LEU C 43 17.17 -18.58 36.18
CA LEU C 43 16.10 -18.20 35.22
C LEU C 43 15.85 -19.37 34.27
N GLY C 44 16.91 -20.06 33.87
CA GLY C 44 16.78 -21.25 33.01
C GLY C 44 15.80 -22.24 33.64
N GLU C 45 15.91 -22.50 34.96
CA GLU C 45 14.95 -23.45 35.59
C GLU C 45 13.53 -23.00 35.29
N TYR C 46 13.17 -21.79 35.72
CA TYR C 46 11.81 -21.27 35.49
C TYR C 46 11.43 -21.31 34.00
N GLN C 47 12.32 -20.87 33.11
CA GLN C 47 12.10 -20.85 31.63
C GLN C 47 11.55 -22.17 31.08
N GLY C 48 11.70 -23.24 31.87
CA GLY C 48 11.22 -24.57 31.44
C GLY C 48 10.24 -25.17 32.43
N LYS C 49 10.40 -24.85 33.71
CA LYS C 49 9.45 -25.34 34.73
C LYS C 49 8.05 -24.83 34.37
N GLN C 50 7.99 -23.75 33.60
CA GLN C 50 6.69 -23.13 33.22
C GLN C 50 5.70 -24.06 32.52
N GLN C 51 6.17 -24.82 31.54
CA GLN C 51 5.28 -25.70 30.74
C GLN C 51 4.49 -26.54 31.74
N LEU C 52 5.04 -26.73 32.93
CA LEU C 52 4.39 -27.61 33.94
C LEU C 52 3.28 -26.88 34.74
N TYR C 53 3.57 -25.75 35.40
CA TYR C 53 2.53 -25.04 36.19
C TYR C 53 1.25 -24.86 35.35
N ALA C 54 1.43 -24.46 34.08
CA ALA C 54 0.30 -24.24 33.14
C ALA C 54 -0.58 -25.50 33.05
N ALA C 55 0.02 -26.62 32.63
CA ALA C 55 -0.69 -27.89 32.42
C ALA C 55 -1.23 -28.52 33.71
N GLN C 56 -0.94 -28.01 34.92
CA GLN C 56 -1.49 -28.71 36.11
C GLN C 56 -2.21 -27.76 37.08
N SER C 57 -1.92 -26.46 37.02
CA SER C 57 -2.59 -25.49 37.93
C SER C 57 -3.14 -24.35 37.09
N PRO C 58 -4.18 -24.60 36.26
CA PRO C 58 -4.73 -23.58 35.35
C PRO C 58 -5.82 -22.64 35.89
N GLU C 59 -6.69 -23.13 36.77
CA GLU C 59 -7.79 -22.29 37.33
C GLU C 59 -7.22 -21.01 37.96
N ALA C 60 -6.04 -21.11 38.61
CA ALA C 60 -5.39 -19.96 39.28
C ALA C 60 -4.80 -18.98 38.25
N LEU C 61 -4.32 -19.51 37.12
CA LEU C 61 -3.72 -18.65 36.05
C LEU C 61 -4.77 -17.69 35.49
N LYS C 62 -6.01 -18.15 35.35
CA LYS C 62 -7.10 -17.27 34.82
C LYS C 62 -7.20 -16.04 35.73
N GLY C 63 -7.16 -16.25 37.04
CA GLY C 63 -7.28 -15.15 38.02
C GLY C 63 -6.07 -14.23 38.02
N LEU C 64 -4.89 -14.77 37.71
CA LEU C 64 -3.64 -13.97 37.67
C LEU C 64 -3.63 -13.11 36.40
N ARG C 65 -4.03 -13.66 35.23
CA ARG C 65 -4.07 -12.83 33.99
C ARG C 65 -4.91 -11.58 34.25
N GLN C 66 -6.16 -11.79 34.72
CA GLN C 66 -7.13 -10.72 35.05
C GLN C 66 -6.43 -9.57 35.78
N ILE C 67 -5.60 -9.90 36.76
CA ILE C 67 -4.85 -8.89 37.58
C ILE C 67 -3.66 -8.35 36.78
N ALA C 68 -2.81 -9.24 36.25
CA ALA C 68 -1.62 -8.83 35.49
C ALA C 68 -1.95 -7.86 34.35
N VAL C 69 -2.98 -8.18 33.55
CA VAL C 69 -3.35 -7.33 32.38
C VAL C 69 -3.76 -5.92 32.84
N VAL C 70 -4.32 -5.79 34.05
CA VAL C 70 -4.75 -4.46 34.57
C VAL C 70 -3.53 -3.73 35.16
N GLU C 71 -2.69 -4.44 35.92
CA GLU C 71 -1.49 -3.81 36.54
C GLU C 71 -0.52 -3.38 35.43
N SER C 72 -0.32 -4.24 34.41
CA SER C 72 0.59 -3.88 33.29
C SER C 72 0.17 -2.54 32.70
N THR C 73 -1.09 -2.42 32.29
CA THR C 73 -1.61 -1.15 31.69
C THR C 73 -1.54 -0.01 32.72
N GLU C 74 -1.82 -0.30 33.99
CA GLU C 74 -1.80 0.75 35.04
C GLU C 74 -0.37 1.22 35.32
N SER C 75 0.52 0.29 35.66
CA SER C 75 1.92 0.60 36.04
C SER C 75 2.72 1.18 34.86
N SER C 76 2.55 0.62 33.66
CA SER C 76 3.33 1.11 32.49
C SER C 76 3.02 2.59 32.24
N ASN C 77 1.75 2.98 32.31
CA ASN C 77 1.36 4.41 32.09
C ASN C 77 1.67 5.24 33.35
N ARG C 78 1.55 4.66 34.54
CA ARG C 78 1.81 5.44 35.77
C ARG C 78 3.30 5.79 35.85
N LEU C 79 4.18 4.93 35.32
CA LEU C 79 5.63 5.24 35.33
C LEU C 79 5.87 6.51 34.50
N GLU C 80 4.90 6.88 33.67
CA GLU C 80 5.01 8.09 32.80
C GLU C 80 4.11 9.20 33.34
N GLY C 81 3.66 9.06 34.60
CA GLY C 81 2.81 10.07 35.26
C GLY C 81 1.40 10.12 34.67
N VAL C 82 0.88 8.99 34.21
CA VAL C 82 -0.49 8.96 33.60
C VAL C 82 -1.33 7.91 34.34
N VAL C 83 -2.44 8.36 34.91
CA VAL C 83 -3.37 7.48 35.68
C VAL C 83 -4.82 7.80 35.31
N VAL C 84 -5.72 6.86 35.55
CA VAL C 84 -7.17 7.03 35.26
C VAL C 84 -7.96 6.82 36.57
N ALA C 85 -9.26 7.07 36.54
CA ALA C 85 -10.01 6.86 37.80
C ALA C 85 -9.99 5.36 38.10
N PRO C 86 -9.85 4.94 39.38
CA PRO C 86 -9.83 3.53 39.73
C PRO C 86 -10.98 2.72 39.11
N SER C 87 -12.18 3.29 39.07
CA SER C 87 -13.37 2.58 38.51
C SER C 87 -13.24 2.44 37.00
N ARG C 88 -12.71 3.46 36.34
CA ARG C 88 -12.54 3.48 34.86
C ARG C 88 -11.42 2.55 34.42
N LEU C 89 -10.49 2.22 35.31
CA LEU C 89 -9.38 1.30 34.92
C LEU C 89 -9.96 -0.07 34.60
N LYS C 90 -10.80 -0.59 35.49
CA LYS C 90 -11.43 -1.93 35.30
C LYS C 90 -12.20 -1.93 33.96
N SER C 91 -13.07 -0.93 33.73
CA SER C 91 -13.90 -0.83 32.50
C SER C 91 -13.04 -0.86 31.24
N LEU C 92 -12.12 0.09 31.16
CA LEU C 92 -11.22 0.23 29.99
C LEU C 92 -10.49 -1.09 29.68
N VAL C 93 -9.77 -1.65 30.66
CA VAL C 93 -8.94 -2.86 30.39
C VAL C 93 -9.80 -4.13 30.23
N LEU C 94 -10.56 -4.51 31.24
CA LEU C 94 -11.34 -5.78 31.19
C LEU C 94 -12.58 -5.70 30.30
N ARG C 95 -13.31 -4.58 30.28
CA ARG C 95 -14.55 -4.56 29.44
C ARG C 95 -14.41 -3.63 28.21
N ASN C 96 -13.20 -3.55 27.66
CA ASN C 96 -12.86 -2.79 26.42
C ASN C 96 -13.70 -1.51 26.29
N ALA C 97 -13.76 -0.68 27.33
CA ALA C 97 -14.54 0.58 27.30
C ALA C 97 -13.87 1.65 26.43
N MET C 98 -14.64 2.61 25.93
CA MET C 98 -14.15 3.72 25.07
C MET C 98 -13.52 4.81 25.92
N PRO C 99 -12.33 5.32 25.57
CA PRO C 99 -11.66 6.36 26.35
C PRO C 99 -12.37 7.72 26.21
N LYS C 100 -12.43 8.49 27.31
CA LYS C 100 -13.12 9.82 27.35
C LYS C 100 -12.16 10.99 27.63
N ASN C 101 -10.84 10.78 27.61
CA ASN C 101 -9.87 11.90 27.83
C ASN C 101 -8.46 11.42 27.50
N ARG C 102 -7.47 12.31 27.47
CA ARG C 102 -6.08 11.94 27.09
C ARG C 102 -5.56 10.79 27.97
N SER C 103 -5.73 10.85 29.29
CA SER C 103 -5.25 9.73 30.15
C SER C 103 -5.89 8.41 29.70
N GLU C 104 -7.21 8.36 29.60
CA GLU C 104 -7.88 7.10 29.17
C GLU C 104 -7.43 6.67 27.77
N GLN C 105 -7.19 7.62 26.87
CA GLN C 105 -6.75 7.30 25.50
C GLN C 105 -5.39 6.58 25.54
N GLU C 106 -4.51 7.02 26.44
CA GLU C 106 -3.17 6.39 26.57
C GLU C 106 -3.35 4.99 27.16
N ILE C 107 -4.22 4.85 28.18
CA ILE C 107 -4.51 3.53 28.81
C ILE C 107 -5.12 2.60 27.75
N ALA C 108 -6.10 3.08 26.99
CA ALA C 108 -6.76 2.25 25.97
C ALA C 108 -5.74 1.80 24.92
N GLY C 109 -4.85 2.70 24.51
CA GLY C 109 -3.85 2.36 23.49
C GLY C 109 -2.91 1.26 23.97
N TYR C 110 -2.39 1.41 25.20
CA TYR C 110 -1.47 0.40 25.78
C TYR C 110 -2.24 -0.91 25.92
N ARG C 111 -3.49 -0.81 26.32
CA ARG C 111 -4.38 -1.99 26.48
C ARG C 111 -4.40 -2.81 25.17
N ASP C 112 -4.78 -2.15 24.07
CA ASP C 112 -4.89 -2.82 22.75
C ASP C 112 -3.55 -3.41 22.30
N ALA C 113 -2.45 -2.68 22.51
CA ALA C 113 -1.10 -3.17 22.12
C ALA C 113 -0.73 -4.39 22.97
N LEU C 114 -0.86 -4.26 24.29
CA LEU C 114 -0.52 -5.36 25.23
C LEU C 114 -1.32 -6.61 24.86
N ALA C 115 -2.62 -6.46 24.62
CA ALA C 115 -3.51 -7.61 24.28
C ALA C 115 -3.01 -8.31 23.02
N LEU C 116 -2.65 -7.52 22.01
CA LEU C 116 -2.16 -8.10 20.73
C LEU C 116 -0.91 -8.95 21.00
N ILE C 117 -0.03 -8.46 21.87
CA ILE C 117 1.22 -9.20 22.20
C ILE C 117 0.85 -10.50 22.95
N HIS C 118 0.04 -10.41 24.01
CA HIS C 118 -0.30 -11.66 24.76
C HIS C 118 -0.96 -12.69 23.85
N GLU C 119 -1.64 -12.23 22.80
CA GLU C 119 -2.41 -13.12 21.91
C GLU C 119 -1.64 -13.59 20.66
N SER C 120 -0.68 -12.82 20.14
CA SER C 120 -0.02 -13.25 18.88
C SER C 120 1.50 -13.03 18.91
N ALA C 121 2.09 -12.84 20.09
CA ALA C 121 3.55 -12.58 20.16
C ALA C 121 4.32 -13.59 19.31
N THR C 122 3.85 -14.83 19.30
CA THR C 122 4.59 -15.90 18.57
C THR C 122 4.52 -15.67 17.05
N HIS C 123 3.65 -14.76 16.58
CA HIS C 123 3.53 -14.47 15.13
C HIS C 123 4.02 -13.04 14.84
N MET C 124 4.58 -12.39 15.86
CA MET C 124 5.04 -10.99 15.74
C MET C 124 6.55 -10.92 15.91
N PRO C 125 7.33 -11.01 14.81
CA PRO C 125 8.78 -10.91 14.88
C PRO C 125 9.26 -9.54 15.37
N PHE C 126 10.53 -9.43 15.72
CA PHE C 126 11.05 -8.11 16.14
C PHE C 126 11.52 -7.42 14.86
N SER C 127 10.55 -6.91 14.11
CA SER C 127 10.70 -6.20 12.82
C SER C 127 10.27 -4.74 12.96
N GLU C 128 10.68 -3.87 12.03
CA GLU C 128 10.25 -2.46 12.08
C GLU C 128 8.73 -2.43 12.01
N GLY C 129 8.18 -3.33 11.18
CA GLY C 129 6.72 -3.46 10.98
C GLY C 129 5.99 -3.70 12.28
N VAL C 130 6.38 -4.75 13.01
CA VAL C 130 5.72 -5.04 14.31
C VAL C 130 5.90 -3.85 15.26
N VAL C 131 7.08 -3.23 15.26
CA VAL C 131 7.27 -2.07 16.19
C VAL C 131 6.28 -0.95 15.81
N LEU C 132 6.20 -0.56 14.53
CA LEU C 132 5.27 0.52 14.11
C LEU C 132 3.82 0.07 14.30
N GLN C 133 3.56 -1.23 14.18
CA GLN C 133 2.19 -1.75 14.37
C GLN C 133 1.76 -1.43 15.80
N LEU C 134 2.59 -1.82 16.78
CA LEU C 134 2.34 -1.62 18.23
C LEU C 134 2.27 -0.13 18.54
N HIS C 135 3.26 0.63 18.06
CA HIS C 135 3.27 2.10 18.32
C HIS C 135 1.99 2.72 17.75
N THR C 136 1.50 2.20 16.63
CA THR C 136 0.24 2.71 16.00
C THR C 136 -0.93 2.48 16.97
N LEU C 137 -1.04 1.29 17.56
CA LEU C 137 -2.16 1.02 18.51
C LEU C 137 -2.00 1.87 19.77
N LEU C 138 -0.75 2.11 20.18
CA LEU C 138 -0.50 2.89 21.43
C LEU C 138 -1.12 4.30 21.31
N TYR C 139 -1.04 4.89 20.12
CA TYR C 139 -1.59 6.26 19.87
C TYR C 139 -2.87 6.17 19.03
N ARG C 140 -3.54 5.02 19.09
CA ARG C 140 -4.78 4.80 18.31
C ARG C 140 -5.93 5.70 18.79
N TYR C 141 -5.94 6.16 20.04
CA TYR C 141 -7.11 6.95 20.48
C TYR C 141 -6.79 8.44 20.65
N MET C 142 -5.61 8.91 20.25
CA MET C 142 -5.27 10.34 20.41
C MET C 142 -5.92 11.13 19.28
N PRO C 143 -6.20 12.44 19.45
CA PRO C 143 -6.82 13.24 18.39
C PRO C 143 -5.92 13.28 17.14
N GLN C 144 -4.62 12.99 17.33
CA GLN C 144 -3.60 12.98 16.26
C GLN C 144 -2.74 11.72 16.44
N ALA C 145 -3.29 10.56 16.02
CA ALA C 145 -2.63 9.23 16.12
C ALA C 145 -1.31 9.20 15.35
N GLY C 146 -0.21 8.84 16.03
CA GLY C 146 1.13 8.75 15.40
C GLY C 146 1.29 7.48 14.58
N GLY C 147 2.25 6.62 14.96
CA GLY C 147 2.50 5.34 14.24
C GLY C 147 3.67 5.44 13.27
N ARG C 148 4.43 6.54 13.33
CA ARG C 148 5.62 6.78 12.46
C ARG C 148 6.75 7.44 13.29
N TRP C 149 8.01 7.16 12.93
CA TRP C 149 9.18 7.72 13.67
C TRP C 149 8.98 9.23 13.87
N ALA C 180 17.53 3.78 11.98
CA ALA C 180 17.18 3.76 13.42
C ALA C 180 16.88 2.32 13.83
N MET C 181 15.62 1.90 13.61
CA MET C 181 15.15 0.53 13.98
C MET C 181 15.70 -0.50 12.99
N ALA C 182 15.75 -0.16 11.71
CA ALA C 182 16.25 -1.08 10.65
C ALA C 182 17.54 -1.76 11.14
N ASP C 183 18.39 -0.99 11.80
CA ASP C 183 19.71 -1.48 12.29
C ASP C 183 19.51 -2.33 13.54
N LEU C 184 18.75 -1.83 14.54
CA LEU C 184 18.52 -2.58 15.82
C LEU C 184 17.90 -3.95 15.53
N THR C 185 16.76 -3.97 14.84
CA THR C 185 16.06 -5.23 14.50
C THR C 185 16.98 -6.12 13.66
N GLY C 186 17.87 -5.49 12.88
CA GLY C 186 18.81 -6.22 12.01
C GLY C 186 19.94 -6.86 12.79
N ARG C 187 20.54 -6.12 13.74
CA ARG C 187 21.67 -6.65 14.55
C ARG C 187 21.13 -7.68 15.55
N TYR C 188 19.88 -7.49 16.00
CA TYR C 188 19.24 -8.44 16.94
C TYR C 188 19.04 -9.78 16.22
N ALA C 189 18.46 -9.74 15.01
CA ALA C 189 18.21 -10.96 14.21
C ALA C 189 19.53 -11.64 13.86
N SER C 190 20.53 -10.80 13.57
CA SER C 190 21.89 -11.25 13.19
C SER C 190 22.55 -11.90 14.43
N ALA C 191 22.38 -11.32 15.62
CA ALA C 191 22.96 -11.89 16.86
C ALA C 191 22.32 -13.26 17.15
N LEU C 192 20.99 -13.36 17.01
CA LEU C 192 20.27 -14.65 17.22
C LEU C 192 20.76 -15.71 16.25
N ASP C 193 20.66 -15.40 14.95
CA ASP C 193 21.07 -16.33 13.87
C ASP C 193 22.46 -16.91 14.18
N GLN C 194 23.37 -16.10 14.73
CA GLN C 194 24.77 -16.54 15.00
C GLN C 194 25.02 -16.94 16.46
N HIS C 195 23.99 -16.96 17.31
CA HIS C 195 24.17 -17.34 18.74
C HIS C 195 25.32 -16.52 19.37
N LEU C 196 25.27 -15.20 19.25
CA LEU C 196 26.35 -14.35 19.83
C LEU C 196 26.13 -14.12 21.33
N ALA C 197 24.95 -14.51 21.86
CA ALA C 197 24.64 -14.34 23.30
C ALA C 197 23.29 -14.99 23.62
N ASP C 198 23.11 -15.45 24.86
CA ASP C 198 21.82 -16.08 25.22
C ASP C 198 20.71 -15.04 25.04
N PRO C 199 19.46 -15.43 24.67
CA PRO C 199 18.38 -14.46 24.56
C PRO C 199 18.20 -13.61 25.81
N LEU C 200 18.52 -14.12 27.00
CA LEU C 200 18.35 -13.30 28.24
C LEU C 200 19.38 -12.16 28.25
N VAL C 201 20.26 -12.10 27.27
CA VAL C 201 21.24 -10.99 27.17
C VAL C 201 20.77 -10.08 26.03
N LEU C 202 20.51 -10.67 24.86
CA LEU C 202 20.05 -9.92 23.67
C LEU C 202 18.79 -9.10 23.98
N VAL C 203 17.81 -9.68 24.68
CA VAL C 203 16.54 -8.96 24.94
C VAL C 203 16.80 -7.68 25.73
N PRO C 204 17.35 -7.75 26.96
CA PRO C 204 17.61 -6.53 27.72
C PRO C 204 18.56 -5.57 27.00
N LEU C 205 19.58 -6.07 26.27
CA LEU C 205 20.47 -5.12 25.56
C LEU C 205 19.71 -4.45 24.39
N ALA C 206 18.84 -5.20 23.71
CA ALA C 206 18.06 -4.62 22.58
C ALA C 206 17.18 -3.49 23.12
N MET C 207 16.60 -3.69 24.31
CA MET C 207 15.72 -2.65 24.91
C MET C 207 16.56 -1.46 25.40
N LEU C 208 17.79 -1.69 25.86
CA LEU C 208 18.64 -0.55 26.30
C LEU C 208 18.94 0.29 25.07
N ASP C 209 19.41 -0.36 23.99
CA ASP C 209 19.72 0.37 22.74
C ASP C 209 18.45 1.10 22.29
N PHE C 210 17.31 0.40 22.26
CA PHE C 210 16.01 1.00 21.85
C PHE C 210 15.78 2.33 22.58
N LEU C 211 15.85 2.32 23.93
CA LEU C 211 15.65 3.57 24.72
C LEU C 211 16.71 4.61 24.37
N CYS C 212 17.97 4.19 24.21
CA CYS C 212 19.07 5.14 23.85
C CYS C 212 18.80 5.72 22.45
N ILE C 213 18.34 4.90 21.51
CA ILE C 213 17.99 5.35 20.13
C ILE C 213 16.82 6.33 20.22
N HIS C 214 15.94 6.17 21.21
CA HIS C 214 14.76 7.06 21.41
C HIS C 214 14.17 7.32 20.02
N PRO C 215 13.71 6.26 19.31
CA PRO C 215 13.21 6.38 17.93
C PRO C 215 11.87 7.09 17.66
N PHE C 216 11.00 7.20 18.67
CA PHE C 216 9.71 7.88 18.42
C PHE C 216 9.69 9.24 19.12
N PRO C 217 8.90 10.21 18.59
CA PRO C 217 8.80 11.51 19.25
C PRO C 217 8.32 11.25 20.68
N ASP C 218 7.38 10.31 20.86
CA ASP C 218 6.82 9.94 22.18
C ASP C 218 6.55 8.43 22.27
N GLY C 219 6.42 7.91 23.50
CA GLY C 219 6.08 6.50 23.78
C GLY C 219 7.26 5.56 23.92
N ASN C 220 8.49 6.06 23.80
CA ASN C 220 9.70 5.18 23.88
C ASN C 220 9.66 4.32 25.16
N GLY C 221 9.34 4.91 26.31
CA GLY C 221 9.29 4.16 27.59
C GLY C 221 8.29 3.02 27.54
N ARG C 222 7.01 3.34 27.32
CA ARG C 222 5.95 2.30 27.23
C ARG C 222 6.28 1.31 26.12
N MET C 223 6.74 1.80 24.97
CA MET C 223 7.10 0.88 23.86
C MET C 223 8.19 -0.10 24.32
N SER C 224 9.19 0.37 25.07
CA SER C 224 10.28 -0.53 25.52
C SER C 224 9.70 -1.64 26.37
N ARG C 225 8.70 -1.31 27.20
CA ARG C 225 8.06 -2.31 28.10
C ARG C 225 7.21 -3.28 27.27
N LEU C 226 6.45 -2.78 26.30
CA LEU C 226 5.66 -3.69 25.44
C LEU C 226 6.62 -4.64 24.70
N LEU C 227 7.66 -4.08 24.05
CA LEU C 227 8.63 -4.91 23.29
C LEU C 227 9.33 -5.89 24.24
N THR C 228 9.61 -5.48 25.49
CA THR C 228 10.26 -6.40 26.45
C THR C 228 9.39 -7.66 26.61
N LEU C 229 8.07 -7.48 26.65
CA LEU C 229 7.15 -8.64 26.81
C LEU C 229 7.14 -9.50 25.53
N LEU C 230 7.08 -8.85 24.35
CA LEU C 230 7.06 -9.54 23.04
C LEU C 230 8.25 -10.48 22.91
N LEU C 231 9.45 -9.93 23.07
CA LEU C 231 10.71 -10.70 22.96
C LEU C 231 10.74 -11.82 24.01
N LEU C 232 10.36 -11.54 25.27
CA LEU C 232 10.41 -12.63 26.30
C LEU C 232 9.48 -13.76 25.84
N TYR C 233 8.29 -13.46 25.34
CA TYR C 233 7.40 -14.56 24.88
C TYR C 233 8.09 -15.38 23.80
N HIS C 234 8.93 -14.75 22.98
CA HIS C 234 9.61 -15.50 21.89
C HIS C 234 10.55 -16.58 22.45
N PHE C 235 10.95 -16.50 23.73
CA PHE C 235 11.89 -17.52 24.27
C PHE C 235 11.25 -18.27 25.43
N ASP C 236 9.91 -18.27 25.48
CA ASP C 236 9.09 -18.97 26.50
C ASP C 236 9.29 -18.38 27.90
N TYR C 237 9.37 -17.06 28.00
CA TYR C 237 9.44 -16.38 29.32
C TYR C 237 8.07 -15.72 29.48
N ALA C 238 7.06 -16.59 29.56
CA ALA C 238 5.62 -16.24 29.65
C ALA C 238 5.21 -15.75 31.05
N VAL C 239 6.13 -15.65 32.00
CA VAL C 239 5.73 -15.21 33.37
C VAL C 239 4.99 -13.86 33.29
N GLY C 240 5.36 -12.98 32.36
CA GLY C 240 4.73 -11.65 32.22
C GLY C 240 3.22 -11.69 32.00
N ARG C 241 2.69 -12.84 31.59
CA ARG C 241 1.24 -13.05 31.34
C ARG C 241 0.47 -13.22 32.65
N TYR C 242 1.16 -13.68 33.71
CA TYR C 242 0.51 -13.95 35.03
C TYR C 242 1.02 -13.01 36.12
N ILE C 243 2.18 -12.37 35.92
CA ILE C 243 2.75 -11.41 36.91
C ILE C 243 3.21 -10.19 36.11
N SER C 244 2.52 -9.06 36.28
CA SER C 244 2.86 -7.83 35.51
C SER C 244 4.32 -7.45 35.70
N LEU C 245 5.09 -7.45 34.61
CA LEU C 245 6.51 -7.04 34.70
C LEU C 245 6.55 -5.53 34.89
N GLU C 246 5.62 -4.81 34.24
CA GLU C 246 5.62 -3.33 34.39
C GLU C 246 5.43 -3.03 35.88
N ARG C 247 4.55 -3.79 36.56
CA ARG C 247 4.34 -3.58 38.02
C ARG C 247 5.63 -3.92 38.76
N ILE C 248 6.22 -5.10 38.50
CA ILE C 248 7.51 -5.49 39.16
C ILE C 248 8.50 -4.33 39.00
N PHE C 249 8.62 -3.80 37.78
CA PHE C 249 9.55 -2.68 37.55
C PHE C 249 9.13 -1.46 38.39
N GLU C 250 7.85 -1.09 38.33
CA GLU C 250 7.36 0.10 39.09
C GLU C 250 7.69 -0.04 40.58
N GLU C 251 7.50 -1.24 41.14
CA GLU C 251 7.79 -1.48 42.59
C GLU C 251 9.26 -1.15 42.90
N THR C 252 10.14 -1.21 41.90
CA THR C 252 11.59 -0.88 42.07
C THR C 252 11.97 0.13 40.98
N LYS C 253 11.10 1.11 40.74
CA LYS C 253 11.36 2.10 39.67
C LYS C 253 12.65 2.87 39.98
N GLU C 254 12.97 3.06 41.27
CA GLU C 254 14.19 3.82 41.64
C GLU C 254 15.39 3.13 40.97
N GLY C 255 15.45 1.79 41.03
CA GLY C 255 16.55 1.03 40.42
C GLY C 255 16.40 0.92 38.90
N TYR C 256 15.15 0.82 38.43
CA TYR C 256 14.86 0.74 36.96
C TYR C 256 15.50 1.92 36.25
N TYR C 257 15.32 3.14 36.78
CA TYR C 257 15.88 4.34 36.12
C TYR C 257 17.38 4.50 36.40
N GLU C 258 17.84 4.28 37.64
CA GLU C 258 19.29 4.41 37.96
C GLU C 258 20.13 3.47 37.08
N THR C 259 19.66 2.23 36.89
CA THR C 259 20.41 1.23 36.09
C THR C 259 20.40 1.60 34.60
N LEU C 260 19.27 2.08 34.07
CA LEU C 260 19.24 2.49 32.64
C LEU C 260 20.18 3.69 32.44
N GLU C 261 20.20 4.62 33.39
CA GLU C 261 21.08 5.81 33.25
C GLU C 261 22.55 5.35 33.33
N ALA C 262 22.87 4.48 34.30
CA ALA C 262 24.27 4.02 34.47
C ALA C 262 24.74 3.22 33.24
N SER C 263 23.92 2.28 32.76
CA SER C 263 24.31 1.44 31.60
C SER C 263 24.28 2.20 30.28
N SER C 264 23.87 3.47 30.28
CA SER C 264 23.85 4.24 29.01
C SER C 264 24.97 5.28 28.99
N GLN C 265 25.79 5.36 30.04
CA GLN C 265 26.93 6.33 30.06
C GLN C 265 27.96 5.89 29.02
N GLY C 266 28.28 6.75 28.06
CA GLY C 266 29.26 6.42 27.01
C GLY C 266 28.68 5.45 25.99
N TRP C 267 27.35 5.37 25.93
CA TRP C 267 26.69 4.46 24.96
C TRP C 267 26.98 4.91 23.53
N HIS C 268 27.14 6.23 23.31
CA HIS C 268 27.40 6.77 21.94
C HIS C 268 28.77 6.29 21.41
N GLN C 269 29.80 6.20 22.25
CA GLN C 269 31.12 5.71 21.76
C GLN C 269 31.09 4.17 21.68
N GLY C 270 30.62 3.52 22.76
CA GLY C 270 30.56 2.05 22.83
C GLY C 270 31.26 1.53 24.07
N GLN C 271 31.64 2.42 24.99
CA GLN C 271 32.33 2.06 26.27
C GLN C 271 31.31 1.98 27.41
N HIS C 272 30.02 1.83 27.10
CA HIS C 272 29.00 1.75 28.18
C HIS C 272 29.10 0.40 28.90
N ASP C 273 28.64 0.36 30.15
CA ASP C 273 28.67 -0.86 31.02
C ASP C 273 27.22 -1.34 31.17
N VAL C 274 26.91 -2.51 30.61
CA VAL C 274 25.52 -3.05 30.65
C VAL C 274 25.27 -3.87 31.91
N LYS C 275 26.26 -4.02 32.80
CA LYS C 275 26.03 -4.87 34.00
C LYS C 275 24.92 -4.28 34.89
N PRO C 276 24.95 -2.98 35.27
CA PRO C 276 23.91 -2.43 36.13
C PRO C 276 22.49 -2.77 35.63
N TRP C 277 22.27 -2.61 34.33
CA TRP C 277 20.95 -2.88 33.70
C TRP C 277 20.66 -4.39 33.66
N LEU C 278 21.61 -5.22 33.22
CA LEU C 278 21.35 -6.70 33.20
C LEU C 278 21.00 -7.18 34.61
N ASP C 279 21.86 -6.89 35.58
CA ASP C 279 21.61 -7.32 36.98
C ASP C 279 20.18 -6.94 37.38
N TYR C 280 19.78 -5.70 37.13
CA TYR C 280 18.42 -5.26 37.51
C TYR C 280 17.35 -6.03 36.74
N PHE C 281 17.50 -6.10 35.41
CA PHE C 281 16.52 -6.77 34.53
C PHE C 281 16.35 -8.23 34.95
N TRP C 282 17.45 -8.96 35.13
CA TRP C 282 17.31 -10.38 35.55
C TRP C 282 16.68 -10.44 36.94
N GLY C 283 17.11 -9.56 37.84
CA GLY C 283 16.55 -9.54 39.20
C GLY C 283 15.05 -9.39 39.17
N ALA C 284 14.56 -8.47 38.33
CA ALA C 284 13.11 -8.18 38.18
C ALA C 284 12.40 -9.42 37.64
N LEU C 285 13.02 -10.05 36.66
CA LEU C 285 12.43 -11.27 36.05
C LEU C 285 12.36 -12.36 37.12
N LEU C 286 13.35 -12.42 38.02
CA LEU C 286 13.32 -13.42 39.14
C LEU C 286 12.16 -13.06 40.08
N ARG C 287 12.10 -11.82 40.58
CA ARG C 287 10.97 -11.45 41.47
C ARG C 287 9.66 -11.94 40.85
N ALA C 288 9.50 -11.76 39.54
CA ALA C 288 8.25 -12.18 38.83
C ALA C 288 8.03 -13.69 38.99
N TYR C 289 9.06 -14.50 38.76
CA TYR C 289 8.91 -15.96 38.92
C TYR C 289 8.74 -16.32 40.40
N ARG C 290 9.59 -15.81 41.30
CA ARG C 290 9.40 -16.13 42.75
C ARG C 290 7.97 -15.79 43.14
N GLU C 291 7.49 -14.62 42.72
CA GLU C 291 6.11 -14.20 43.06
C GLU C 291 5.10 -15.14 42.40
N PHE C 292 5.41 -15.65 41.22
CA PHE C 292 4.47 -16.56 40.52
C PHE C 292 4.30 -17.85 41.33
N GLU C 293 5.36 -18.34 41.99
CA GLU C 293 5.27 -19.59 42.79
C GLU C 293 4.48 -19.33 44.08
N GLU C 294 4.84 -18.28 44.85
CA GLU C 294 4.10 -17.94 46.09
C GLU C 294 2.60 -17.88 45.79
N ARG C 295 2.17 -17.13 44.76
CA ARG C 295 0.73 -17.02 44.40
C ARG C 295 0.15 -18.39 44.02
N VAL C 296 0.81 -19.12 43.11
CA VAL C 296 0.27 -20.45 42.68
C VAL C 296 0.44 -21.45 43.83
N GLY C 297 1.27 -21.14 44.82
CA GLY C 297 1.52 -22.03 45.98
C GLY C 297 0.49 -21.83 47.09
N THR C 298 0.11 -20.59 47.39
CA THR C 298 -0.87 -20.30 48.48
C THR C 298 -2.31 -20.50 47.97
N ILE C 299 -2.55 -20.38 46.65
CA ILE C 299 -3.91 -20.60 46.05
C ILE C 299 -4.26 -22.09 46.13
N GLU C 300 -3.26 -22.97 46.28
CA GLU C 300 -3.48 -24.43 46.39
C GLU C 300 -4.19 -24.76 47.72
N ARG C 301 -3.69 -24.18 48.82
CA ARG C 301 -4.26 -24.39 50.19
C ARG C 301 -4.93 -23.10 50.67
#